data_5FDK
#
_entry.id   5FDK
#
_cell.length_a   144.447
_cell.length_b   144.447
_cell.length_c   310.343
_cell.angle_alpha   90.000
_cell.angle_beta   90.000
_cell.angle_gamma   120.000
#
_symmetry.space_group_name_H-M   'H 3 2'
#
loop_
_entity.id
_entity.type
_entity.pdbx_description
1 polymer 'Holliday junction resolvase RecU'
2 polymer 'palindromic DNA'
#
loop_
_entity_poly.entity_id
_entity_poly.type
_entity_poly.pdbx_seq_one_letter_code
_entity_poly.pdbx_strand_id
1 'polypeptide(L)'
;MIRYPNGKTFQPKHSVSSQNSQKRAPSYSNRGMTLEDDLNETNKYYLTNQIAVIHKKPTPVQIVNVHYPKRSAAVIKEAY
FKQSSTTNYNGIYKGRYIDFEAKETKNKTSFPLQNFHDHQIEHMKQVKAQDGICFVIISAFDQVYFLEADKLFYFWDRKE
KNGRKSIRKDELEETAYPISLGYAPRIDYISIIEQLYFS
;
A,B,C,D
2 'polydeoxyribonucleotide' (DA)(DC)(DG)(DC)(DA)(DA)(DT)(DT)(DG)(DC)(DG)(DT) E,F,G,H
#
# COMPACT_ATOMS: atom_id res chain seq x y z
N LYS A 23 -24.87 7.21 -23.64
CA LYS A 23 -23.54 7.78 -23.91
C LYS A 23 -23.42 9.20 -23.40
N ARG A 24 -24.42 9.66 -22.63
CA ARG A 24 -24.35 10.95 -21.95
C ARG A 24 -23.45 10.94 -20.69
N ALA A 25 -22.12 10.96 -20.87
CA ALA A 25 -21.19 10.93 -19.72
C ALA A 25 -20.50 12.27 -19.43
N PRO A 26 -21.09 13.07 -18.51
CA PRO A 26 -20.69 14.45 -18.25
C PRO A 26 -19.27 14.60 -17.69
N SER A 27 -18.51 13.51 -17.71
CA SER A 27 -17.36 13.38 -16.82
C SER A 27 -16.77 11.97 -17.09
N TYR A 28 -15.62 11.58 -16.51
CA TYR A 28 -14.85 12.31 -15.51
C TYR A 28 -13.35 12.02 -15.55
N SER A 29 -12.55 13.05 -15.39
CA SER A 29 -11.26 13.10 -16.03
C SER A 29 -10.27 12.03 -15.62
N ASN A 30 -9.46 11.64 -16.60
CA ASN A 30 -8.42 10.65 -16.45
C ASN A 30 -7.10 11.23 -16.97
N ARG A 31 -5.98 10.71 -16.51
CA ARG A 31 -4.72 11.22 -17.01
C ARG A 31 -3.81 10.16 -17.64
N GLY A 32 -4.15 9.73 -18.85
CA GLY A 32 -5.48 9.90 -19.44
C GLY A 32 -5.73 8.84 -20.49
N MET A 33 -6.98 8.39 -20.65
CA MET A 33 -7.25 7.42 -21.72
C MET A 33 -7.04 8.02 -23.10
N THR A 34 -7.61 9.20 -23.33
CA THR A 34 -8.90 9.57 -22.74
C THR A 34 -9.89 10.01 -23.84
N LEU A 35 -10.98 9.26 -24.01
CA LEU A 35 -11.09 7.93 -23.44
C LEU A 35 -10.75 6.91 -24.52
N GLU A 36 -11.73 6.61 -25.37
CA GLU A 36 -11.51 6.00 -26.67
C GLU A 36 -11.12 7.20 -27.56
N ASP A 37 -11.49 8.37 -27.04
CA ASP A 37 -11.16 9.64 -27.64
C ASP A 37 -9.63 9.70 -27.83
N ASP A 38 -8.87 9.49 -26.79
CA ASP A 38 -7.53 9.64 -27.21
C ASP A 38 -6.83 8.82 -28.26
N LEU A 39 -6.91 7.51 -28.21
CA LEU A 39 -6.16 6.76 -29.20
C LEU A 39 -7.02 6.48 -30.40
N ASN A 40 -8.29 6.44 -30.12
CA ASN A 40 -9.32 6.18 -31.07
C ASN A 40 -9.42 7.22 -32.10
N GLU A 41 -9.44 8.47 -31.65
CA GLU A 41 -9.46 9.54 -32.59
C GLU A 41 -8.18 9.48 -33.35
N THR A 42 -7.10 9.10 -32.68
CA THR A 42 -5.83 9.04 -33.40
C THR A 42 -6.00 8.04 -34.52
N ASN A 43 -6.62 6.91 -34.26
CA ASN A 43 -6.84 5.91 -35.31
C ASN A 43 -7.71 6.32 -36.48
N LYS A 44 -8.76 7.05 -36.17
CA LYS A 44 -9.64 7.50 -37.22
C LYS A 44 -8.82 8.37 -38.11
N TYR A 45 -8.02 9.20 -37.48
CA TYR A 45 -7.22 10.14 -38.23
C TYR A 45 -6.28 9.41 -39.12
N TYR A 46 -5.75 8.35 -38.58
CA TYR A 46 -4.75 7.63 -39.30
C TYR A 46 -5.59 7.02 -40.37
N LEU A 47 -6.76 6.47 -40.05
CA LEU A 47 -7.65 6.11 -41.23
C LEU A 47 -8.07 6.82 -42.61
N THR A 48 -8.81 7.88 -42.41
CA THR A 48 -8.97 8.98 -43.37
C THR A 48 -7.86 9.88 -43.98
N ASN A 49 -6.60 9.55 -43.69
CA ASN A 49 -5.44 10.14 -44.37
C ASN A 49 -4.64 9.01 -44.97
N GLN A 50 -5.29 7.87 -45.13
CA GLN A 50 -4.66 6.67 -45.66
C GLN A 50 -3.26 6.39 -45.10
N ILE A 51 -3.14 6.42 -43.77
CA ILE A 51 -1.84 6.16 -43.13
C ILE A 51 -1.76 4.78 -42.49
N ALA A 52 -2.81 4.34 -41.81
CA ALA A 52 -2.90 2.94 -41.35
C ALA A 52 -4.32 2.52 -41.05
N VAL A 53 -4.58 1.22 -41.08
CA VAL A 53 -5.88 0.74 -40.62
C VAL A 53 -5.70 0.02 -39.29
N ILE A 54 -5.93 0.73 -38.19
CA ILE A 54 -5.74 0.18 -36.86
C ILE A 54 -7.06 0.31 -36.11
N HIS A 55 -7.63 -0.81 -35.70
CA HIS A 55 -8.88 -0.75 -34.94
C HIS A 55 -8.74 -1.41 -33.60
N LYS A 56 -9.64 -1.03 -32.69
CA LYS A 56 -9.66 -1.63 -31.37
C LYS A 56 -10.56 -2.84 -31.37
N LYS A 57 -9.97 -4.01 -31.16
CA LYS A 57 -10.75 -5.22 -31.11
C LYS A 57 -11.78 -5.06 -29.98
N PRO A 58 -13.05 -5.40 -30.25
CA PRO A 58 -14.12 -5.06 -29.30
C PRO A 58 -14.16 -6.05 -28.13
N THR A 59 -14.71 -5.65 -27.01
CA THR A 59 -14.64 -6.43 -25.78
C THR A 59 -15.60 -7.62 -25.81
N PRO A 60 -15.07 -8.85 -25.64
CA PRO A 60 -15.85 -10.08 -25.87
C PRO A 60 -16.83 -10.48 -24.74
N VAL A 61 -18.13 -10.31 -25.00
CA VAL A 61 -19.16 -10.69 -24.05
C VAL A 61 -19.61 -12.08 -24.40
N GLN A 62 -20.13 -12.83 -23.43
CA GLN A 62 -20.85 -14.04 -23.78
C GLN A 62 -22.31 -13.81 -23.54
N ILE A 63 -23.05 -13.69 -24.64
CA ILE A 63 -24.43 -13.22 -24.61
C ILE A 63 -25.40 -14.34 -24.28
N VAL A 64 -25.59 -14.61 -23.00
CA VAL A 64 -26.47 -15.69 -22.53
C VAL A 64 -27.98 -15.55 -22.90
N ASN A 65 -28.51 -14.35 -22.68
CA ASN A 65 -29.93 -14.11 -22.94
C ASN A 65 -30.30 -12.80 -23.62
N VAL A 66 -31.00 -12.93 -24.75
CA VAL A 66 -31.47 -11.81 -25.56
C VAL A 66 -33.02 -11.73 -25.56
N HIS A 67 -33.57 -10.52 -25.67
CA HIS A 67 -35.00 -10.31 -25.91
C HIS A 67 -35.17 -9.50 -27.20
N TYR A 68 -36.38 -9.49 -27.79
CA TYR A 68 -36.63 -8.80 -29.06
C TYR A 68 -37.83 -7.85 -29.07
N PRO A 69 -37.96 -6.99 -28.05
CA PRO A 69 -39.21 -6.26 -27.79
C PRO A 69 -39.56 -5.20 -28.82
N LYS A 70 -40.87 -5.00 -29.03
CA LYS A 70 -41.39 -4.00 -29.97
C LYS A 70 -40.67 -4.03 -31.32
N ARG A 71 -40.88 -5.10 -32.09
CA ARG A 71 -40.17 -5.33 -33.34
C ARG A 71 -38.66 -5.36 -33.11
N SER A 72 -37.94 -4.49 -33.82
CA SER A 72 -36.52 -4.27 -33.59
C SER A 72 -36.39 -3.21 -32.49
N ALA A 73 -35.31 -3.25 -31.69
CA ALA A 73 -34.24 -4.23 -31.83
C ALA A 73 -34.06 -5.03 -30.55
N ALA A 74 -32.96 -5.77 -30.46
CA ALA A 74 -32.71 -6.70 -29.35
C ALA A 74 -32.01 -6.07 -28.14
N VAL A 75 -32.35 -6.56 -26.95
CA VAL A 75 -31.79 -6.04 -25.72
C VAL A 75 -31.33 -7.18 -24.82
N ILE A 76 -30.04 -7.46 -24.83
CA ILE A 76 -29.59 -8.61 -24.10
C ILE A 76 -29.96 -8.37 -22.68
N LYS A 77 -30.70 -9.32 -22.14
CA LYS A 77 -31.12 -9.29 -20.74
C LYS A 77 -30.11 -9.91 -19.74
N GLU A 78 -29.29 -10.86 -20.19
CA GLU A 78 -28.26 -11.40 -19.32
C GLU A 78 -27.04 -11.83 -20.12
N ALA A 79 -25.89 -11.28 -19.76
CA ALA A 79 -24.62 -11.60 -20.43
C ALA A 79 -23.44 -11.28 -19.49
N TYR A 80 -22.34 -12.00 -19.68
CA TYR A 80 -21.22 -11.91 -18.76
C TYR A 80 -20.00 -11.47 -19.53
N PHE A 81 -19.01 -10.93 -18.82
CA PHE A 81 -17.77 -10.46 -19.44
C PHE A 81 -16.77 -11.59 -19.58
N LYS A 82 -16.11 -11.70 -20.73
CA LYS A 82 -15.06 -12.70 -20.90
C LYS A 82 -13.71 -12.02 -20.82
N GLN A 83 -12.73 -12.76 -20.32
CA GLN A 83 -11.35 -12.28 -20.37
C GLN A 83 -10.91 -12.50 -21.81
N SER A 84 -10.49 -11.44 -22.48
CA SER A 84 -9.97 -11.57 -23.84
C SER A 84 -8.74 -12.53 -23.94
N SER A 85 -8.26 -12.78 -25.16
CA SER A 85 -7.01 -13.52 -25.34
C SER A 85 -5.97 -12.72 -26.17
N THR A 86 -6.46 -11.77 -26.95
CA THR A 86 -5.67 -10.94 -27.83
C THR A 86 -5.34 -9.61 -27.15
N THR A 87 -4.33 -8.90 -27.67
CA THR A 87 -4.03 -7.55 -27.23
C THR A 87 -5.09 -6.57 -27.70
N ASN A 88 -5.33 -5.54 -26.89
CA ASN A 88 -6.27 -4.45 -27.17
C ASN A 88 -6.39 -4.03 -28.67
N TYR A 89 -5.35 -3.45 -29.27
CA TYR A 89 -5.49 -2.94 -30.64
C TYR A 89 -4.71 -3.71 -31.73
N ASN A 90 -5.20 -3.72 -32.97
CA ASN A 90 -4.40 -4.31 -34.06
C ASN A 90 -4.60 -3.66 -35.44
N GLY A 91 -3.87 -4.15 -36.45
CA GLY A 91 -4.03 -3.63 -37.79
C GLY A 91 -2.92 -3.70 -38.83
N ILE A 92 -3.03 -2.83 -39.85
CA ILE A 92 -2.06 -2.71 -40.96
C ILE A 92 -1.40 -1.33 -41.04
N TYR A 93 -0.08 -1.34 -41.21
CA TYR A 93 0.67 -0.17 -41.65
C TYR A 93 1.77 -0.71 -42.55
N LYS A 94 1.92 -0.12 -43.72
CA LYS A 94 2.92 -0.58 -44.69
C LYS A 94 2.86 -2.09 -44.83
N GLY A 95 1.67 -2.64 -45.01
CA GLY A 95 1.54 -4.07 -45.17
C GLY A 95 2.07 -4.95 -44.04
N ARG A 96 2.57 -4.33 -42.97
CA ARG A 96 2.95 -5.09 -41.79
C ARG A 96 1.84 -5.12 -40.73
N TYR A 97 1.95 -6.09 -39.84
CA TYR A 97 0.98 -6.28 -38.75
C TYR A 97 1.37 -5.38 -37.61
N ILE A 98 0.36 -4.72 -37.04
CA ILE A 98 0.51 -3.91 -35.84
C ILE A 98 -0.32 -4.54 -34.75
N ASP A 99 0.21 -4.59 -33.53
CA ASP A 99 -0.57 -5.12 -32.42
C ASP A 99 -0.03 -4.41 -31.19
N PHE A 100 -0.90 -4.10 -30.24
CA PHE A 100 -0.41 -3.39 -29.07
C PHE A 100 -1.42 -3.27 -28.01
N GLU A 101 -0.96 -3.11 -26.77
CA GLU A 101 -1.95 -2.87 -25.72
C GLU A 101 -1.79 -1.41 -25.36
N ALA A 102 -2.84 -0.82 -24.80
CA ALA A 102 -2.70 0.51 -24.24
C ALA A 102 -3.14 0.45 -22.79
N LYS A 103 -2.32 0.96 -21.90
CA LYS A 103 -2.68 0.95 -20.50
C LYS A 103 -2.21 2.26 -19.83
N GLU A 104 -3.02 2.82 -18.94
CA GLU A 104 -2.66 4.09 -18.33
C GLU A 104 -2.79 4.05 -16.82
N THR A 105 -1.93 4.76 -16.11
CA THR A 105 -2.09 4.74 -14.66
C THR A 105 -1.98 6.10 -14.00
N LYS A 106 -2.70 6.26 -12.90
CA LYS A 106 -2.65 7.52 -12.19
C LYS A 106 -1.58 7.50 -11.08
N ASN A 107 -0.99 6.33 -10.81
CA ASN A 107 0.03 6.21 -9.76
C ASN A 107 1.20 7.06 -10.15
N LYS A 108 1.48 8.09 -9.35
CA LYS A 108 2.45 9.13 -9.72
C LYS A 108 3.91 8.66 -9.68
N THR A 109 4.10 7.44 -9.23
CA THR A 109 5.43 6.90 -8.95
C THR A 109 5.88 5.85 -9.97
N SER A 110 4.98 4.94 -10.32
CA SER A 110 5.33 3.80 -11.15
C SER A 110 4.12 3.31 -11.97
N PHE A 111 4.34 2.37 -12.91
CA PHE A 111 3.24 1.77 -13.69
C PHE A 111 2.99 0.32 -13.27
N PRO A 112 1.84 0.07 -12.62
CA PRO A 112 1.40 -1.24 -12.15
C PRO A 112 1.48 -2.27 -13.24
N LEU A 113 2.42 -3.22 -13.17
CA LEU A 113 2.48 -4.24 -14.20
C LEU A 113 1.30 -5.20 -14.04
N GLN A 114 0.55 -5.01 -12.96
CA GLN A 114 -0.44 -5.99 -12.58
C GLN A 114 -1.73 -5.82 -13.34
N ASN A 115 -1.84 -4.72 -14.10
CA ASN A 115 -3.06 -4.49 -14.84
C ASN A 115 -2.85 -4.95 -16.28
N PHE A 116 -1.72 -5.60 -16.50
CA PHE A 116 -1.61 -6.47 -17.66
C PHE A 116 -2.10 -7.78 -17.14
N HIS A 117 -2.28 -8.73 -18.03
CA HIS A 117 -2.86 -9.96 -17.59
C HIS A 117 -2.23 -11.16 -18.29
N ASP A 118 -2.64 -12.35 -18.01
CA ASP A 118 -1.89 -13.46 -18.60
C ASP A 118 -1.81 -13.56 -20.12
N HIS A 119 -2.98 -13.58 -20.71
CA HIS A 119 -3.11 -13.99 -22.06
C HIS A 119 -2.58 -12.98 -23.00
N GLN A 120 -2.66 -11.73 -22.59
CA GLN A 120 -2.29 -10.67 -23.46
C GLN A 120 -0.86 -10.80 -23.77
N ILE A 121 -0.08 -11.03 -22.73
CA ILE A 121 1.34 -11.22 -22.90
C ILE A 121 1.64 -12.50 -23.63
N GLU A 122 0.86 -13.55 -23.40
CA GLU A 122 1.13 -14.79 -24.13
C GLU A 122 1.06 -14.46 -25.60
N HIS A 123 0.03 -13.71 -25.94
CA HIS A 123 -0.19 -13.31 -27.31
C HIS A 123 0.87 -12.40 -27.88
N MET A 124 1.20 -11.34 -27.19
CA MET A 124 2.25 -10.51 -27.74
C MET A 124 3.45 -11.39 -28.10
N LYS A 125 3.68 -12.41 -27.29
CA LYS A 125 4.76 -13.33 -27.53
C LYS A 125 4.55 -14.04 -28.88
N GLN A 126 3.44 -14.76 -29.01
CA GLN A 126 3.07 -15.43 -30.27
C GLN A 126 3.04 -14.50 -31.48
N VAL A 127 2.78 -13.22 -31.24
CA VAL A 127 2.59 -12.24 -32.30
C VAL A 127 3.97 -11.82 -32.76
N LYS A 128 4.92 -11.81 -31.85
CA LYS A 128 6.28 -11.51 -32.24
C LYS A 128 6.90 -12.78 -32.80
N ALA A 129 6.24 -13.92 -32.58
CA ALA A 129 6.73 -15.18 -33.13
C ALA A 129 6.95 -15.00 -34.62
N GLN A 130 5.87 -14.95 -35.40
CA GLN A 130 5.96 -14.40 -36.76
C GLN A 130 6.38 -12.94 -36.53
N ASP A 131 7.14 -12.33 -37.41
CA ASP A 131 7.61 -10.97 -37.10
C ASP A 131 6.51 -9.89 -37.20
N GLY A 132 6.18 -9.27 -36.06
CA GLY A 132 5.20 -8.20 -36.04
C GLY A 132 5.63 -7.00 -35.22
N ILE A 133 4.99 -5.85 -35.44
CA ILE A 133 5.21 -4.67 -34.60
C ILE A 133 4.27 -4.70 -33.41
N CYS A 134 4.69 -5.43 -32.39
CA CYS A 134 3.89 -5.67 -31.21
C CYS A 134 4.45 -4.86 -30.05
N PHE A 135 3.63 -4.07 -29.36
CA PHE A 135 4.17 -3.13 -28.37
C PHE A 135 3.18 -2.60 -27.37
N VAL A 136 3.60 -1.64 -26.56
CA VAL A 136 2.73 -1.11 -25.52
C VAL A 136 2.76 0.39 -25.45
N ILE A 137 1.59 0.98 -25.50
CA ILE A 137 1.44 2.39 -25.22
C ILE A 137 1.02 2.57 -23.76
N ILE A 138 1.77 3.37 -23.00
CA ILE A 138 1.48 3.56 -21.59
C ILE A 138 1.21 5.02 -21.36
N SER A 139 0.11 5.34 -20.68
CA SER A 139 -0.13 6.73 -20.35
C SER A 139 0.05 6.88 -18.85
N ALA A 140 1.25 7.26 -18.42
CA ALA A 140 1.38 7.64 -17.03
C ALA A 140 2.44 8.72 -16.93
N PHE A 141 2.40 9.40 -15.79
CA PHE A 141 3.30 10.49 -15.46
C PHE A 141 3.10 11.65 -16.37
N ASP A 142 1.85 11.90 -16.65
CA ASP A 142 1.42 13.03 -17.45
C ASP A 142 2.30 12.96 -18.70
N GLN A 143 2.20 11.83 -19.40
CA GLN A 143 3.15 11.49 -20.43
C GLN A 143 2.72 10.22 -21.08
N VAL A 144 2.76 10.18 -22.41
CA VAL A 144 2.41 8.97 -23.12
C VAL A 144 3.69 8.39 -23.67
N TYR A 145 3.91 7.10 -23.42
CA TYR A 145 5.16 6.42 -23.68
C TYR A 145 4.93 5.26 -24.61
N PHE A 146 5.98 4.82 -25.27
CA PHE A 146 5.90 3.70 -26.18
C PHE A 146 6.99 2.78 -25.74
N LEU A 147 6.60 1.71 -25.08
CA LEU A 147 7.52 0.67 -24.65
C LEU A 147 7.41 -0.49 -25.62
N GLU A 148 8.50 -0.80 -26.29
CA GLU A 148 8.59 -1.97 -27.16
C GLU A 148 8.21 -3.23 -26.39
N ALA A 149 7.82 -4.30 -27.07
CA ALA A 149 7.45 -5.53 -26.39
C ALA A 149 8.62 -6.24 -25.74
N ASP A 150 9.82 -6.10 -26.33
CA ASP A 150 11.04 -6.71 -25.78
C ASP A 150 11.18 -6.39 -24.29
N LYS A 151 11.51 -5.13 -24.03
CA LYS A 151 11.58 -4.57 -22.70
C LYS A 151 10.40 -5.04 -21.81
N LEU A 152 9.19 -4.90 -22.32
CA LEU A 152 8.04 -5.30 -21.56
C LEU A 152 8.22 -6.73 -21.09
N PHE A 153 8.82 -7.55 -21.93
CA PHE A 153 8.97 -8.96 -21.61
C PHE A 153 10.00 -9.10 -20.48
N TYR A 154 11.05 -8.29 -20.51
CA TYR A 154 11.97 -8.24 -19.35
C TYR A 154 11.20 -7.96 -18.06
N PHE A 155 10.49 -6.84 -17.99
CA PHE A 155 9.77 -6.48 -16.76
C PHE A 155 8.73 -7.56 -16.39
N TRP A 156 8.22 -8.26 -17.40
CA TRP A 156 7.27 -9.32 -17.14
C TRP A 156 7.86 -10.48 -16.34
N ASP A 157 9.00 -11.03 -16.76
CA ASP A 157 9.59 -12.17 -16.01
C ASP A 157 10.44 -11.71 -14.80
N ARG A 158 10.60 -10.41 -14.68
CA ARG A 158 11.19 -9.85 -13.47
C ARG A 158 10.06 -10.08 -12.49
N LYS A 159 8.84 -9.72 -12.90
CA LYS A 159 7.68 -10.03 -12.09
C LYS A 159 7.54 -11.53 -11.87
N GLU A 160 7.75 -12.29 -12.94
CA GLU A 160 7.41 -13.73 -13.02
C GLU A 160 8.34 -14.65 -12.24
N LYS A 161 9.59 -14.27 -12.07
CA LYS A 161 10.44 -15.08 -11.21
C LYS A 161 10.09 -14.74 -9.79
N ASN A 162 10.48 -13.56 -9.35
CA ASN A 162 9.81 -12.92 -8.24
C ASN A 162 10.27 -11.49 -8.16
N GLY A 163 9.55 -10.63 -7.45
CA GLY A 163 9.99 -9.26 -7.39
C GLY A 163 9.03 -8.31 -8.09
N ARG A 164 9.49 -7.07 -8.19
CA ARG A 164 8.69 -5.89 -8.51
C ARG A 164 7.52 -6.05 -9.48
N LYS A 165 6.31 -5.74 -9.01
CA LYS A 165 5.13 -5.83 -9.84
C LYS A 165 4.78 -4.49 -10.51
N SER A 166 5.79 -3.68 -10.79
CA SER A 166 5.56 -2.39 -11.42
C SER A 166 6.84 -1.96 -12.07
N ILE A 167 6.76 -0.99 -12.95
CA ILE A 167 7.96 -0.44 -13.53
C ILE A 167 8.05 0.97 -13.05
N ARG A 168 9.05 1.27 -12.23
CA ARG A 168 9.19 2.61 -11.69
C ARG A 168 9.50 3.59 -12.82
N LYS A 169 9.13 4.85 -12.65
CA LYS A 169 9.26 5.83 -13.74
C LYS A 169 10.68 5.81 -14.27
N ASP A 170 11.64 6.06 -13.39
CA ASP A 170 13.04 6.20 -13.80
C ASP A 170 13.60 5.03 -14.63
N GLU A 171 12.81 3.96 -14.75
CA GLU A 171 13.13 2.88 -15.66
C GLU A 171 12.03 2.67 -16.69
N LEU A 172 10.94 3.44 -16.61
CA LEU A 172 10.01 3.41 -17.72
C LEU A 172 10.58 4.36 -18.76
N GLU A 173 10.88 5.57 -18.30
CA GLU A 173 11.58 6.58 -19.09
C GLU A 173 12.92 6.04 -19.56
N GLU A 174 13.51 5.16 -18.78
CA GLU A 174 14.75 4.51 -19.16
C GLU A 174 14.50 3.36 -20.13
N THR A 175 13.35 2.69 -20.05
CA THR A 175 13.09 1.58 -20.97
C THR A 175 12.24 1.93 -22.23
N ALA A 176 11.57 3.08 -22.26
CA ALA A 176 10.63 3.38 -23.35
C ALA A 176 10.82 4.73 -24.06
N TYR A 177 10.26 4.80 -25.28
CA TYR A 177 10.27 6.00 -26.12
C TYR A 177 9.05 6.82 -25.86
N PRO A 178 9.24 8.09 -25.47
CA PRO A 178 8.10 8.99 -25.30
C PRO A 178 7.52 9.36 -26.64
N ILE A 179 6.21 9.57 -26.63
CA ILE A 179 5.42 9.87 -27.82
C ILE A 179 5.06 11.34 -27.68
N SER A 180 4.78 11.99 -28.82
CA SER A 180 4.35 13.38 -28.82
C SER A 180 2.84 13.49 -28.95
N LEU A 181 2.25 14.18 -28.00
CA LEU A 181 0.81 14.29 -27.96
C LEU A 181 0.36 15.66 -28.49
N GLY A 182 -0.19 15.69 -29.69
CA GLY A 182 -0.70 16.93 -30.24
C GLY A 182 -2.21 16.98 -30.40
N TYR A 183 -2.67 17.94 -31.18
CA TYR A 183 -4.01 17.95 -31.78
C TYR A 183 -3.93 16.90 -32.89
N ALA A 184 -4.87 16.85 -33.79
CA ALA A 184 -4.57 16.06 -34.95
C ALA A 184 -4.30 14.69 -34.46
N PRO A 185 -3.23 14.06 -34.91
CA PRO A 185 -3.15 12.68 -34.42
C PRO A 185 -3.28 12.49 -32.90
N ARG A 186 -3.41 13.56 -32.10
CA ARG A 186 -3.68 13.40 -30.66
C ARG A 186 -2.44 12.53 -30.77
N ILE A 187 -2.58 11.24 -30.45
CA ILE A 187 -1.46 10.36 -30.15
C ILE A 187 -0.82 9.87 -31.45
N ASP A 188 0.47 10.12 -31.61
CA ASP A 188 1.14 9.92 -32.89
C ASP A 188 2.11 8.75 -32.84
N TYR A 189 1.62 7.57 -32.50
CA TYR A 189 2.54 6.44 -32.35
C TYR A 189 3.15 5.99 -33.67
N ILE A 190 2.45 6.18 -34.77
CA ILE A 190 2.99 5.68 -36.04
C ILE A 190 4.33 6.33 -36.44
N SER A 191 4.54 7.57 -36.02
CA SER A 191 5.79 8.29 -36.27
C SER A 191 6.97 7.76 -35.45
N ILE A 192 6.68 6.90 -34.48
CA ILE A 192 7.72 6.20 -33.72
C ILE A 192 7.95 4.87 -34.43
N ILE A 193 6.85 4.16 -34.70
CA ILE A 193 6.94 2.89 -35.41
C ILE A 193 7.64 3.10 -36.74
N GLU A 194 7.48 4.32 -37.28
CA GLU A 194 8.17 4.73 -38.49
C GLU A 194 9.63 5.05 -38.17
N GLN A 195 9.85 5.96 -37.23
CA GLN A 195 11.20 6.30 -36.80
C GLN A 195 12.03 5.09 -36.34
N LEU A 196 11.42 3.93 -36.20
CA LEU A 196 12.13 2.80 -35.60
C LEU A 196 12.20 1.50 -36.41
N TYR A 197 11.12 1.11 -37.06
CA TYR A 197 11.10 -0.17 -37.80
C TYR A 197 11.27 0.01 -39.32
N PHE A 198 11.12 1.24 -39.79
CA PHE A 198 11.21 1.59 -41.21
C PHE A 198 12.18 2.74 -41.41
N SER A 199 13.48 2.44 -41.35
CA SER A 199 14.59 3.38 -41.58
C SER A 199 14.29 4.87 -41.41
N THR B 34 6.17 16.95 13.79
CA THR B 34 5.30 18.08 13.55
C THR B 34 4.41 18.27 14.76
N LEU B 35 3.87 17.18 15.28
CA LEU B 35 2.83 17.22 16.26
C LEU B 35 3.52 17.31 17.61
N GLU B 36 4.56 16.51 17.77
CA GLU B 36 5.38 16.49 18.99
C GLU B 36 5.89 17.88 19.39
N ASP B 37 6.07 18.77 18.42
CA ASP B 37 6.50 20.11 18.76
C ASP B 37 5.26 20.79 19.29
N ASP B 38 4.19 20.78 18.49
CA ASP B 38 2.89 21.33 18.93
C ASP B 38 2.58 20.95 20.39
N LEU B 39 2.84 19.69 20.72
CA LEU B 39 2.57 19.14 22.03
C LEU B 39 3.56 19.52 23.09
N ASN B 40 4.83 19.62 22.73
CA ASN B 40 5.80 20.00 23.73
C ASN B 40 5.60 21.45 24.11
N GLU B 41 5.45 22.31 23.10
CA GLU B 41 5.15 23.73 23.32
C GLU B 41 3.90 23.89 24.17
N THR B 42 2.89 23.09 23.88
CA THR B 42 1.62 23.17 24.61
C THR B 42 1.79 22.74 26.05
N ASN B 43 2.39 21.59 26.24
CA ASN B 43 2.49 21.01 27.54
C ASN B 43 3.32 21.96 28.42
N LYS B 44 4.47 22.36 27.89
CA LYS B 44 5.33 23.36 28.52
C LYS B 44 4.61 24.69 28.77
N TYR B 45 3.62 25.04 27.95
CA TYR B 45 2.77 26.17 28.27
C TYR B 45 2.00 25.87 29.55
N TYR B 46 1.31 24.74 29.58
CA TYR B 46 0.54 24.40 30.77
C TYR B 46 1.40 24.45 32.01
N LEU B 47 2.66 24.04 31.86
CA LEU B 47 3.58 23.98 32.99
C LEU B 47 4.03 25.36 33.40
N THR B 48 4.45 26.15 32.42
CA THR B 48 4.98 27.47 32.70
C THR B 48 3.85 28.45 33.00
N ASN B 49 2.62 27.95 33.07
CA ASN B 49 1.50 28.76 33.50
C ASN B 49 0.72 28.10 34.62
N GLN B 50 1.27 26.99 35.12
CA GLN B 50 0.69 26.26 36.27
C GLN B 50 -0.68 25.60 36.04
N ILE B 51 -1.06 25.42 34.78
CA ILE B 51 -2.25 24.65 34.42
C ILE B 51 -1.99 23.15 34.62
N ALA B 52 -0.96 22.63 33.97
CA ALA B 52 -0.71 21.19 34.01
C ALA B 52 0.75 20.79 33.94
N VAL B 53 1.08 19.62 34.52
CA VAL B 53 2.42 19.08 34.42
C VAL B 53 2.45 17.85 33.52
N ILE B 54 3.01 17.97 32.32
CA ILE B 54 2.95 16.87 31.34
C ILE B 54 4.22 16.70 30.51
N HIS B 55 4.86 15.53 30.61
CA HIS B 55 5.99 15.28 29.72
C HIS B 55 5.88 13.99 28.93
N LYS B 56 6.47 13.99 27.75
CA LYS B 56 6.47 12.85 26.85
C LYS B 56 7.58 11.96 27.32
N LYS B 57 7.23 10.75 27.78
CA LYS B 57 8.24 9.82 28.31
C LYS B 57 9.30 9.67 27.26
N PRO B 58 10.56 9.58 27.68
CA PRO B 58 11.65 9.45 26.72
C PRO B 58 11.61 8.05 26.18
N THR B 59 12.28 7.80 25.07
CA THR B 59 12.22 6.50 24.42
C THR B 59 13.32 5.56 24.90
N PRO B 60 12.95 4.52 25.67
CA PRO B 60 13.88 3.62 26.37
C PRO B 60 14.84 2.88 25.44
N VAL B 61 16.07 2.69 25.92
CA VAL B 61 17.14 2.17 25.08
C VAL B 61 18.00 1.08 25.73
N GLN B 62 18.22 -0.01 25.01
CA GLN B 62 19.35 -0.88 25.30
C GLN B 62 20.53 -0.12 24.74
N ILE B 63 21.26 0.58 25.61
CA ILE B 63 22.50 1.27 25.23
C ILE B 63 23.75 0.45 25.64
N VAL B 64 24.68 0.46 24.68
CA VAL B 64 25.75 -0.50 24.55
C VAL B 64 27.19 -0.06 24.50
N ASN B 65 27.61 0.88 23.65
CA ASN B 65 28.96 1.45 23.72
C ASN B 65 28.77 2.96 23.66
N VAL B 66 29.33 3.73 24.57
CA VAL B 66 29.20 5.19 24.50
C VAL B 66 30.64 5.67 24.32
N HIS B 67 30.84 6.70 23.51
CA HIS B 67 32.17 7.28 23.34
C HIS B 67 32.17 8.67 23.91
N TYR B 68 33.13 9.03 24.78
CA TYR B 68 33.18 10.33 25.48
C TYR B 68 34.35 11.13 24.91
N PRO B 69 34.09 12.44 24.46
CA PRO B 69 35.30 13.19 24.10
C PRO B 69 35.53 14.24 25.21
N LYS B 70 36.65 14.19 25.96
CA LYS B 70 36.92 15.21 26.92
C LYS B 70 36.63 16.52 26.25
N ARG B 71 37.03 16.62 24.99
CA ARG B 71 37.03 17.90 24.32
C ARG B 71 35.72 18.59 23.97
N SER B 72 34.75 17.90 23.38
CA SER B 72 33.60 18.63 22.80
C SER B 72 33.07 17.20 22.69
N ALA B 73 31.78 17.04 22.58
CA ALA B 73 32.08 16.07 23.57
C ALA B 73 30.82 15.25 23.63
N ALA B 74 30.91 14.03 24.09
CA ALA B 74 29.74 13.29 24.59
C ALA B 74 28.78 12.47 23.71
N VAL B 75 29.05 12.25 22.44
CA VAL B 75 28.13 11.47 21.59
C VAL B 75 28.08 9.96 21.84
N ILE B 76 26.89 9.35 21.76
CA ILE B 76 26.79 7.89 21.75
C ILE B 76 27.14 7.28 20.39
N LYS B 77 28.03 6.30 20.39
CA LYS B 77 28.50 5.72 19.13
C LYS B 77 27.64 4.56 18.62
N GLU B 78 26.95 3.85 19.51
CA GLU B 78 26.21 2.68 19.07
C GLU B 78 25.14 2.22 20.07
N ALA B 79 23.90 2.60 19.82
CA ALA B 79 22.80 2.27 20.74
C ALA B 79 21.75 1.38 20.09
N TYR B 80 21.38 0.30 20.78
CA TYR B 80 20.33 -0.60 20.35
C TYR B 80 19.01 -0.02 20.81
N PHE B 81 17.93 -0.78 20.74
CA PHE B 81 16.59 -0.19 20.78
C PHE B 81 15.55 -0.95 21.62
N LYS B 82 15.38 -0.62 22.89
CA LYS B 82 14.17 -1.06 23.54
C LYS B 82 13.05 -0.29 22.84
N GLN B 83 11.85 -0.86 22.79
CA GLN B 83 10.72 -0.14 22.21
C GLN B 83 9.87 0.58 23.26
N SER B 84 9.36 1.76 22.96
CA SER B 84 8.92 2.66 23.99
C SER B 84 7.69 2.03 24.59
N SER B 85 7.94 1.06 25.46
CA SER B 85 6.91 0.15 26.00
C SER B 85 5.64 0.81 26.62
N THR B 86 5.83 2.01 27.18
CA THR B 86 4.73 2.79 27.75
C THR B 86 4.32 3.94 26.81
N THR B 87 3.03 4.22 26.72
CA THR B 87 2.57 5.29 25.82
C THR B 87 3.20 6.69 26.10
N ASN B 88 3.39 7.46 25.06
CA ASN B 88 4.31 8.56 25.07
C ASN B 88 4.12 9.68 26.11
N TYR B 89 2.92 10.19 26.35
CA TYR B 89 2.81 11.34 27.28
C TYR B 89 2.11 11.08 28.59
N ASN B 90 2.63 11.62 29.67
CA ASN B 90 1.85 11.61 30.91
C ASN B 90 2.13 12.72 31.88
N GLY B 91 1.30 12.76 32.91
CA GLY B 91 1.46 13.76 33.94
C GLY B 91 0.24 13.94 34.83
N ILE B 92 0.17 15.13 35.40
CA ILE B 92 -0.89 15.44 36.35
C ILE B 92 -1.57 16.75 35.96
N TYR B 93 -2.83 16.82 36.34
CA TYR B 93 -3.63 18.02 36.24
C TYR B 93 -4.83 17.96 37.15
N LYS B 94 -4.80 18.69 38.23
CA LYS B 94 -5.86 18.65 39.23
C LYS B 94 -5.98 17.29 39.89
N GLY B 95 -4.86 16.74 40.30
CA GLY B 95 -4.86 15.48 41.03
C GLY B 95 -4.87 14.26 40.15
N ARG B 96 -5.61 14.31 39.05
CA ARG B 96 -5.82 13.14 38.21
C ARG B 96 -4.61 12.81 37.32
N TYR B 97 -4.29 11.51 37.20
CA TYR B 97 -3.26 11.05 36.27
C TYR B 97 -3.73 11.14 34.81
N ILE B 98 -2.87 11.68 33.93
CA ILE B 98 -3.23 11.80 32.52
C ILE B 98 -2.18 11.10 31.69
N ASP B 99 -2.59 10.48 30.59
CA ASP B 99 -1.70 9.65 29.80
C ASP B 99 -2.01 9.82 28.30
N PHE B 100 -1.52 10.88 27.69
CA PHE B 100 -1.88 11.24 26.34
C PHE B 100 -1.23 10.27 25.40
N GLU B 101 -1.43 10.46 24.11
CA GLU B 101 -0.85 9.57 23.12
C GLU B 101 -0.90 10.28 21.80
N ALA B 102 0.16 10.19 21.03
CA ALA B 102 0.29 11.13 19.96
C ALA B 102 0.57 10.47 18.62
N LYS B 103 -0.48 10.27 17.83
CA LYS B 103 -0.28 9.70 16.50
C LYS B 103 -0.60 10.66 15.38
N GLU B 104 0.01 10.44 14.22
CA GLU B 104 -0.22 11.26 13.06
C GLU B 104 -0.17 10.63 11.68
N THR B 105 -1.07 11.05 10.81
CA THR B 105 -1.13 10.55 9.44
C THR B 105 -1.40 11.60 8.34
N LYS B 106 -0.48 11.65 7.38
CA LYS B 106 -0.69 12.44 6.19
C LYS B 106 -1.47 11.59 5.19
N ASN B 107 -2.55 10.97 5.66
CA ASN B 107 -3.43 10.16 4.81
C ASN B 107 -4.75 10.86 4.67
N LYS B 108 -5.26 10.89 3.45
CA LYS B 108 -6.39 11.75 3.16
C LYS B 108 -7.71 11.24 3.78
N THR B 109 -7.87 9.92 3.85
CA THR B 109 -9.20 9.32 3.96
C THR B 109 -9.55 8.51 5.24
N SER B 110 -8.58 7.78 5.80
CA SER B 110 -8.85 7.10 7.07
C SER B 110 -7.60 7.10 7.94
N PHE B 111 -7.69 6.44 9.08
CA PHE B 111 -6.58 6.43 10.02
C PHE B 111 -6.04 5.04 10.32
N PRO B 112 -4.79 4.76 9.91
CA PRO B 112 -4.19 3.44 10.12
C PRO B 112 -4.01 3.19 11.61
N LEU B 113 -4.45 2.03 12.06
CA LEU B 113 -4.26 1.58 13.44
C LEU B 113 -2.97 0.72 13.55
N GLN B 114 -2.27 0.62 12.42
CA GLN B 114 -0.93 0.05 12.35
C GLN B 114 -0.02 1.13 12.93
N ASN B 115 -0.64 2.23 13.36
CA ASN B 115 0.04 3.29 14.09
C ASN B 115 0.21 3.00 15.60
N PHE B 116 -0.42 1.95 16.12
CA PHE B 116 -0.24 1.57 17.53
C PHE B 116 0.29 0.17 17.67
N HIS B 117 1.28 0.00 18.53
CA HIS B 117 1.83 -1.31 18.78
C HIS B 117 1.02 -1.87 19.94
N ASP B 118 1.09 -3.18 20.15
CA ASP B 118 0.22 -3.79 21.14
C ASP B 118 0.61 -3.34 22.56
N HIS B 119 1.90 -3.16 22.82
CA HIS B 119 2.32 -2.72 24.15
C HIS B 119 1.69 -1.40 24.57
N GLN B 120 1.53 -0.51 23.59
CA GLN B 120 0.84 0.75 23.79
C GLN B 120 -0.57 0.53 24.23
N ILE B 121 -1.38 -0.08 23.38
CA ILE B 121 -2.80 -0.21 23.69
C ILE B 121 -2.95 -0.88 25.04
N GLU B 122 -2.05 -1.83 25.31
CA GLU B 122 -2.17 -2.59 26.54
C GLU B 122 -1.90 -1.74 27.75
N HIS B 123 -0.72 -1.13 27.80
CA HIS B 123 -0.47 -0.14 28.83
C HIS B 123 -1.68 0.75 29.06
N MET B 124 -2.15 1.35 27.98
CA MET B 124 -3.26 2.29 28.05
C MET B 124 -4.39 1.61 28.77
N LYS B 125 -4.54 0.31 28.54
CA LYS B 125 -5.64 -0.44 29.19
C LYS B 125 -5.41 -0.50 30.68
N GLN B 126 -4.16 -0.70 31.08
CA GLN B 126 -3.83 -0.76 32.50
C GLN B 126 -4.14 0.57 33.17
N VAL B 127 -3.56 1.63 32.59
CA VAL B 127 -3.89 3.01 32.92
C VAL B 127 -5.38 3.21 33.15
N LYS B 128 -6.20 2.87 32.17
CA LYS B 128 -7.64 3.02 32.34
C LYS B 128 -8.14 2.15 33.50
N ALA B 129 -7.53 0.98 33.71
CA ALA B 129 -8.04 0.03 34.71
C ALA B 129 -7.77 0.49 36.13
N GLN B 130 -6.89 1.48 36.25
CA GLN B 130 -6.65 2.17 37.51
C GLN B 130 -7.22 3.57 37.31
N ASP B 131 -8.43 3.64 36.74
CA ASP B 131 -9.15 4.91 36.45
C ASP B 131 -8.36 6.22 36.04
N GLY B 132 -7.41 6.06 35.12
CA GLY B 132 -6.58 7.20 34.73
C GLY B 132 -7.34 7.92 33.64
N ILE B 133 -6.93 9.13 33.29
CA ILE B 133 -7.48 9.80 32.11
C ILE B 133 -6.61 9.50 30.90
N CYS B 134 -7.17 8.77 29.96
CA CYS B 134 -6.35 8.17 28.92
C CYS B 134 -7.02 8.49 27.61
N PHE B 135 -6.24 8.88 26.62
CA PHE B 135 -6.80 9.11 25.30
C PHE B 135 -5.64 9.14 24.35
N VAL B 136 -5.94 8.98 23.07
CA VAL B 136 -4.93 9.23 22.06
C VAL B 136 -5.28 10.52 21.33
N ILE B 137 -4.28 11.39 21.22
CA ILE B 137 -4.40 12.57 20.38
C ILE B 137 -3.89 12.33 18.96
N ILE B 138 -4.80 12.53 18.00
CA ILE B 138 -4.58 12.10 16.65
C ILE B 138 -4.60 13.30 15.76
N SER B 139 -3.55 13.45 14.98
CA SER B 139 -3.53 14.54 14.03
C SER B 139 -3.72 13.95 12.66
N ALA B 140 -4.92 14.11 12.14
CA ALA B 140 -5.14 13.88 10.72
C ALA B 140 -6.35 14.63 10.17
N PHE B 141 -6.56 14.41 8.87
CA PHE B 141 -7.63 15.01 8.10
C PHE B 141 -7.66 16.52 8.34
N ASP B 142 -6.47 17.10 8.32
CA ASP B 142 -6.23 18.51 8.61
C ASP B 142 -6.76 18.94 9.95
N GLN B 143 -7.08 17.98 10.82
CA GLN B 143 -7.44 18.34 12.18
C GLN B 143 -6.69 17.59 13.26
N VAL B 144 -6.96 17.97 14.51
CA VAL B 144 -6.29 17.33 15.61
C VAL B 144 -7.35 16.90 16.62
N TYR B 145 -7.71 15.64 16.54
CA TYR B 145 -8.82 15.09 17.30
C TYR B 145 -8.36 14.48 18.61
N PHE B 146 -9.28 14.55 19.57
CA PHE B 146 -9.08 13.96 20.87
C PHE B 146 -9.89 12.67 20.90
N LEU B 147 -9.21 11.54 20.75
CA LEU B 147 -9.92 10.27 20.74
C LEU B 147 -9.97 9.54 22.07
N GLU B 148 -11.18 9.41 22.64
CA GLU B 148 -11.31 8.70 23.91
C GLU B 148 -10.72 7.30 23.88
N ALA B 149 -10.26 6.79 25.03
CA ALA B 149 -9.44 5.59 25.12
C ALA B 149 -10.26 4.39 24.75
N ASP B 150 -11.52 4.33 25.15
CA ASP B 150 -12.28 3.12 24.88
C ASP B 150 -13.01 3.11 23.55
N LYS B 151 -13.16 4.28 22.94
CA LYS B 151 -13.63 4.28 21.56
C LYS B 151 -12.51 3.60 20.79
N LEU B 152 -11.31 4.13 20.93
CA LEU B 152 -10.10 3.51 20.40
C LEU B 152 -10.08 2.03 20.70
N PHE B 153 -10.38 1.67 21.95
CA PHE B 153 -10.38 0.27 22.36
C PHE B 153 -11.32 -0.45 21.46
N TYR B 154 -12.51 0.11 21.31
CA TYR B 154 -13.52 -0.47 20.44
C TYR B 154 -13.00 -0.73 19.00
N PHE B 155 -12.31 0.24 18.42
CA PHE B 155 -11.71 0.05 17.10
C PHE B 155 -10.60 -0.99 17.05
N TRP B 156 -9.82 -1.05 18.12
CA TRP B 156 -8.72 -1.96 18.16
C TRP B 156 -9.24 -3.37 18.24
N ASP B 157 -10.23 -3.62 19.11
CA ASP B 157 -10.78 -4.96 19.18
C ASP B 157 -11.45 -5.32 17.88
N ARG B 158 -12.26 -4.41 17.34
CA ARG B 158 -12.77 -4.58 15.98
C ARG B 158 -11.73 -5.12 15.01
N LYS B 159 -10.55 -4.50 14.96
CA LYS B 159 -9.47 -4.97 14.08
C LYS B 159 -8.89 -6.27 14.60
N GLU B 160 -9.15 -6.57 15.85
CA GLU B 160 -8.59 -7.78 16.42
C GLU B 160 -9.50 -8.98 16.10
N LYS B 161 -10.81 -8.81 16.26
CA LYS B 161 -11.78 -9.81 15.83
C LYS B 161 -11.85 -9.74 14.29
N ASN B 162 -10.67 -9.85 13.66
CA ASN B 162 -10.44 -9.88 12.21
C ASN B 162 -11.23 -8.91 11.32
N GLY B 163 -11.21 -7.64 11.66
CA GLY B 163 -11.97 -6.63 10.94
C GLY B 163 -11.08 -5.50 10.42
N ARG B 164 -11.71 -4.44 9.89
CA ARG B 164 -11.03 -3.28 9.27
C ARG B 164 -9.78 -2.80 9.99
N LYS B 165 -8.66 -2.85 9.28
CA LYS B 165 -7.38 -2.59 9.91
C LYS B 165 -7.09 -1.07 10.18
N SER B 166 -8.08 -0.21 9.92
CA SER B 166 -7.96 1.25 10.15
C SER B 166 -9.20 1.98 10.68
N ILE B 167 -9.06 3.26 11.03
CA ILE B 167 -10.27 4.07 11.26
C ILE B 167 -10.82 5.20 10.34
N ARG B 168 -11.96 4.94 9.72
CA ARG B 168 -12.34 5.74 8.56
C ARG B 168 -12.71 7.13 9.12
N LYS B 169 -12.34 8.16 8.35
CA LYS B 169 -12.62 9.56 8.67
C LYS B 169 -13.97 9.87 9.34
N ASP B 170 -15.07 9.35 8.78
CA ASP B 170 -16.39 9.69 9.30
C ASP B 170 -16.62 8.98 10.62
N GLU B 171 -15.92 7.87 10.77
CA GLU B 171 -15.93 7.14 12.02
C GLU B 171 -15.14 7.95 13.03
N LEU B 172 -14.08 8.60 12.56
CA LEU B 172 -13.22 9.29 13.48
C LEU B 172 -14.03 10.42 13.98
N GLU B 173 -14.61 11.16 13.05
CA GLU B 173 -15.24 12.39 13.45
C GLU B 173 -16.59 12.19 14.13
N GLU B 174 -17.19 11.00 14.02
CA GLU B 174 -18.24 10.59 14.97
C GLU B 174 -17.67 10.37 16.37
N THR B 175 -16.85 9.33 16.47
CA THR B 175 -16.22 8.86 17.72
C THR B 175 -15.45 9.87 18.57
N ALA B 176 -14.74 10.80 17.93
CA ALA B 176 -13.87 11.72 18.67
C ALA B 176 -14.39 13.10 18.42
N TYR B 177 -14.00 14.06 19.25
CA TYR B 177 -14.28 15.46 18.96
C TYR B 177 -12.96 16.26 18.99
N PRO B 178 -12.82 17.27 18.12
CA PRO B 178 -11.50 17.80 17.80
C PRO B 178 -10.99 18.77 18.81
N ILE B 179 -9.71 18.62 19.19
CA ILE B 179 -9.03 19.57 20.06
C ILE B 179 -8.99 20.93 19.37
N SER B 180 -9.48 21.93 20.08
CA SER B 180 -9.57 23.29 19.57
C SER B 180 -8.25 24.03 19.81
N LEU B 181 -7.51 24.27 18.73
CA LEU B 181 -6.15 24.77 18.86
C LEU B 181 -5.93 26.23 18.39
N GLY B 182 -5.43 27.02 19.30
CA GLY B 182 -5.07 28.39 19.06
C GLY B 182 -3.64 28.50 19.52
N TYR B 183 -3.02 29.60 19.21
CA TYR B 183 -1.66 29.82 19.62
C TYR B 183 -1.56 29.82 21.11
N ALA B 184 -2.62 30.25 21.78
CA ALA B 184 -2.47 30.60 23.17
C ALA B 184 -1.97 29.41 23.90
N PRO B 185 -2.68 28.22 23.68
CA PRO B 185 -1.85 27.03 23.69
C PRO B 185 -2.04 26.28 22.39
N ARG B 186 -0.98 25.89 21.71
CA ARG B 186 -1.14 25.49 20.33
C ARG B 186 -2.06 24.30 20.12
N ILE B 187 -2.32 23.51 21.16
CA ILE B 187 -3.17 22.33 21.11
C ILE B 187 -3.92 22.25 22.43
N ASP B 188 -5.05 22.93 22.54
CA ASP B 188 -5.73 22.98 23.82
C ASP B 188 -6.53 21.72 24.12
N TYR B 189 -5.83 20.62 24.40
CA TYR B 189 -6.50 19.38 24.77
C TYR B 189 -6.96 19.46 26.21
N ILE B 190 -6.13 20.09 27.03
CA ILE B 190 -6.43 20.24 28.44
C ILE B 190 -7.81 20.82 28.64
N SER B 191 -8.21 21.76 27.79
CA SER B 191 -9.55 22.36 27.84
C SER B 191 -10.64 21.28 27.72
N ILE B 192 -10.51 20.49 26.66
CA ILE B 192 -11.32 19.29 26.43
C ILE B 192 -11.44 18.40 27.69
N ILE B 193 -10.33 18.14 28.37
CA ILE B 193 -10.40 17.40 29.62
C ILE B 193 -11.13 18.21 30.69
N GLU B 194 -10.71 19.47 30.80
CA GLU B 194 -11.11 20.43 31.83
C GLU B 194 -12.60 20.42 31.99
N GLN B 195 -13.28 20.19 30.87
CA GLN B 195 -14.72 19.99 30.85
C GLN B 195 -15.22 18.66 31.41
N LEU B 196 -14.61 17.55 31.03
CA LEU B 196 -14.97 16.27 31.54
C LEU B 196 -14.70 16.10 33.07
N TYR B 197 -13.50 16.45 33.47
CA TYR B 197 -13.15 16.52 34.89
C TYR B 197 -13.68 17.64 35.78
N PHE B 198 -14.05 18.78 35.21
CA PHE B 198 -14.56 19.87 36.04
C PHE B 198 -15.96 20.35 35.66
N SER B 199 -16.38 20.10 34.43
CA SER B 199 -17.63 20.64 33.91
C SER B 199 -18.40 19.59 33.11
N PRO C 26 -27.89 -26.03 -30.29
CA PRO C 26 -28.23 -24.62 -30.13
C PRO C 26 -27.14 -23.67 -30.64
N SER C 27 -25.88 -24.09 -30.60
CA SER C 27 -24.77 -23.29 -31.15
C SER C 27 -24.84 -23.27 -32.68
N TYR C 28 -25.63 -24.21 -33.22
CA TYR C 28 -25.79 -24.37 -34.66
C TYR C 28 -27.24 -24.76 -34.94
N SER C 29 -28.05 -23.78 -35.35
CA SER C 29 -29.46 -24.03 -35.64
C SER C 29 -29.76 -24.05 -37.13
N ASN C 30 -28.96 -24.79 -37.89
CA ASN C 30 -29.20 -24.96 -39.32
C ASN C 30 -28.99 -26.42 -39.77
N ARG C 31 -29.02 -26.63 -41.08
CA ARG C 31 -28.86 -27.97 -41.65
C ARG C 31 -27.41 -28.28 -42.00
N GLY C 32 -26.59 -27.23 -42.14
CA GLY C 32 -25.23 -27.39 -42.61
C GLY C 32 -24.08 -26.73 -41.85
N MET C 33 -23.85 -27.07 -40.58
CA MET C 33 -22.54 -26.96 -39.93
C MET C 33 -22.03 -25.58 -39.50
N THR C 34 -22.73 -24.54 -39.90
CA THR C 34 -22.36 -23.20 -39.47
C THR C 34 -21.15 -22.52 -40.05
N LEU C 35 -19.99 -23.18 -39.95
CA LEU C 35 -18.73 -22.64 -40.45
C LEU C 35 -18.05 -21.65 -39.46
N GLU C 36 -18.86 -21.28 -38.49
CA GLU C 36 -18.35 -20.69 -37.27
C GLU C 36 -17.29 -21.51 -36.56
N ASP C 37 -17.68 -22.64 -35.97
CA ASP C 37 -16.68 -23.53 -35.32
C ASP C 37 -15.60 -24.00 -36.30
N ASP C 38 -16.03 -24.59 -37.42
CA ASP C 38 -15.14 -25.12 -38.45
C ASP C 38 -13.94 -24.22 -38.78
N LEU C 39 -14.15 -22.90 -38.84
CA LEU C 39 -13.05 -21.99 -39.08
C LEU C 39 -12.26 -21.66 -37.82
N ASN C 40 -12.97 -21.28 -36.77
CA ASN C 40 -12.27 -20.86 -35.53
C ASN C 40 -11.63 -22.05 -34.72
N GLU C 41 -11.56 -23.19 -35.41
CA GLU C 41 -10.96 -24.41 -34.89
C GLU C 41 -9.79 -24.53 -35.83
N THR C 42 -10.01 -24.33 -37.13
CA THR C 42 -8.86 -24.27 -38.03
C THR C 42 -7.75 -23.26 -37.60
N ASN C 43 -8.27 -22.13 -37.09
CA ASN C 43 -7.40 -21.19 -36.38
C ASN C 43 -6.66 -21.60 -35.10
N LYS C 44 -7.36 -22.36 -34.26
CA LYS C 44 -6.74 -22.89 -33.06
C LYS C 44 -5.58 -23.75 -33.50
N TYR C 45 -5.81 -24.75 -34.34
CA TYR C 45 -4.71 -25.60 -34.82
C TYR C 45 -3.54 -24.74 -35.26
N TYR C 46 -3.85 -23.75 -36.09
CA TYR C 46 -2.84 -22.88 -36.64
C TYR C 46 -2.01 -22.28 -35.51
N LEU C 47 -2.70 -21.80 -34.49
CA LEU C 47 -2.07 -21.15 -33.33
C LEU C 47 -1.19 -22.12 -32.60
N THR C 48 -1.80 -23.15 -32.02
CA THR C 48 -1.10 -24.20 -31.26
C THR C 48 0.20 -24.68 -31.89
N ASN C 49 0.21 -24.85 -33.21
CA ASN C 49 1.43 -25.23 -33.93
C ASN C 49 2.29 -24.06 -34.42
N GLN C 50 2.02 -22.84 -33.99
CA GLN C 50 2.84 -21.68 -34.38
C GLN C 50 3.00 -21.48 -35.91
N ILE C 51 2.03 -22.01 -36.67
CA ILE C 51 1.86 -21.73 -38.11
C ILE C 51 1.50 -20.27 -38.35
N ALA C 52 0.47 -19.76 -37.66
CA ALA C 52 0.16 -18.33 -37.64
C ALA C 52 -0.98 -17.93 -36.74
N VAL C 53 -1.06 -16.62 -36.52
CA VAL C 53 -1.99 -16.07 -35.54
C VAL C 53 -3.24 -15.42 -36.14
N ILE C 54 -4.40 -16.05 -35.97
CA ILE C 54 -5.61 -15.44 -36.45
C ILE C 54 -6.71 -15.54 -35.39
N HIS C 55 -7.54 -14.52 -35.29
CA HIS C 55 -8.58 -14.50 -34.28
C HIS C 55 -9.77 -13.72 -34.77
N LYS C 56 -10.99 -14.24 -34.56
CA LYS C 56 -12.15 -13.46 -34.98
C LYS C 56 -12.40 -12.30 -34.03
N LYS C 57 -12.58 -11.11 -34.56
CA LYS C 57 -12.99 -9.99 -33.74
C LYS C 57 -14.34 -10.41 -33.18
N PRO C 58 -14.58 -10.25 -31.86
CA PRO C 58 -15.87 -10.66 -31.33
C PRO C 58 -16.93 -9.65 -31.73
N THR C 59 -18.20 -10.01 -31.59
CA THR C 59 -19.29 -9.08 -31.93
C THR C 59 -19.32 -7.87 -30.99
N PRO C 60 -19.29 -6.66 -31.57
CA PRO C 60 -19.41 -5.42 -30.80
C PRO C 60 -20.77 -5.31 -30.12
N VAL C 61 -20.78 -5.07 -28.81
CA VAL C 61 -22.00 -4.64 -28.16
C VAL C 61 -21.71 -3.44 -27.26
N GLN C 62 -22.62 -2.48 -27.28
CA GLN C 62 -22.63 -1.40 -26.32
C GLN C 62 -23.39 -1.86 -25.08
N ILE C 63 -22.64 -2.08 -24.00
CA ILE C 63 -23.23 -2.41 -22.69
C ILE C 63 -24.05 -1.22 -22.22
N VAL C 64 -25.12 -1.49 -21.47
CA VAL C 64 -25.93 -0.41 -20.90
C VAL C 64 -25.93 -0.45 -19.37
N ASN C 65 -26.30 -1.59 -18.77
CA ASN C 65 -26.22 -1.76 -17.30
C ASN C 65 -25.57 -3.08 -16.84
N VAL C 66 -24.77 -3.02 -15.77
CA VAL C 66 -24.03 -4.18 -15.26
C VAL C 66 -24.24 -4.38 -13.77
N HIS C 67 -25.19 -5.21 -13.37
CA HIS C 67 -25.35 -5.49 -11.94
C HIS C 67 -24.17 -6.34 -11.48
N TYR C 68 -23.70 -6.13 -10.24
CA TYR C 68 -22.47 -6.77 -9.77
C TYR C 68 -22.58 -7.29 -8.34
N PRO C 69 -23.05 -8.54 -8.18
CA PRO C 69 -23.08 -9.14 -6.85
C PRO C 69 -21.66 -9.44 -6.39
N LYS C 70 -21.46 -9.56 -5.08
CA LYS C 70 -20.15 -9.82 -4.52
C LYS C 70 -19.75 -11.22 -4.93
N ARG C 71 -20.65 -12.17 -4.84
CA ARG C 71 -20.25 -13.47 -5.31
C ARG C 71 -20.40 -13.50 -6.80
N SER C 72 -21.62 -13.59 -7.29
CA SER C 72 -21.76 -13.73 -8.75
C SER C 72 -20.90 -12.74 -9.50
N ALA C 73 -20.17 -13.26 -10.48
CA ALA C 73 -19.48 -12.42 -11.44
C ALA C 73 -20.46 -11.38 -11.98
N ALA C 74 -19.98 -10.15 -12.19
CA ALA C 74 -20.86 -9.04 -12.51
C ALA C 74 -21.64 -9.26 -13.79
N VAL C 75 -22.96 -9.40 -13.65
CA VAL C 75 -23.86 -9.71 -14.77
C VAL C 75 -24.24 -8.48 -15.60
N ILE C 76 -23.81 -8.41 -16.84
CA ILE C 76 -24.32 -7.37 -17.73
C ILE C 76 -25.80 -7.68 -18.01
N LYS C 77 -26.71 -6.87 -17.45
CA LYS C 77 -28.14 -7.20 -17.44
C LYS C 77 -28.98 -6.52 -18.53
N GLU C 78 -28.38 -5.60 -19.26
CA GLU C 78 -29.00 -4.99 -20.43
C GLU C 78 -27.90 -4.43 -21.31
N ALA C 79 -28.00 -4.67 -22.62
CA ALA C 79 -26.94 -4.30 -23.57
C ALA C 79 -27.46 -4.42 -24.98
N TYR C 80 -26.81 -3.72 -25.91
CA TYR C 80 -27.33 -3.60 -27.28
C TYR C 80 -26.23 -3.82 -28.29
N PHE C 81 -26.58 -4.46 -29.40
CA PHE C 81 -25.66 -4.68 -30.51
C PHE C 81 -25.47 -3.43 -31.35
N LYS C 82 -24.25 -3.25 -31.80
CA LYS C 82 -23.93 -2.25 -32.78
C LYS C 82 -23.38 -3.09 -33.87
N GLN C 83 -22.84 -2.47 -34.89
CA GLN C 83 -22.41 -3.24 -36.04
C GLN C 83 -21.08 -2.70 -36.53
N SER C 84 -20.01 -3.40 -36.21
CA SER C 84 -18.69 -2.92 -36.57
C SER C 84 -18.46 -3.05 -38.05
N SER C 85 -17.70 -2.09 -38.59
CA SER C 85 -17.29 -2.10 -39.98
C SER C 85 -16.25 -3.18 -40.22
N THR C 86 -15.27 -3.25 -39.34
CA THR C 86 -14.15 -4.06 -39.66
C THR C 86 -14.64 -5.42 -39.97
N THR C 87 -14.32 -5.84 -41.16
CA THR C 87 -14.38 -7.22 -41.63
C THR C 87 -13.82 -8.20 -40.60
N ASN C 88 -14.66 -9.14 -40.18
CA ASN C 88 -14.47 -9.79 -38.88
C ASN C 88 -13.66 -11.07 -38.79
N TYR C 89 -12.56 -11.17 -39.54
CA TYR C 89 -11.46 -12.01 -39.09
C TYR C 89 -10.18 -11.22 -39.28
N ASN C 90 -9.07 -11.65 -38.71
CA ASN C 90 -7.76 -11.09 -39.02
C ASN C 90 -6.59 -11.65 -38.27
N GLY C 91 -5.41 -11.18 -38.60
CA GLY C 91 -4.22 -11.41 -37.80
C GLY C 91 -2.90 -11.33 -38.53
N ILE C 92 -1.95 -12.14 -38.07
CA ILE C 92 -0.63 -12.18 -38.65
C ILE C 92 -0.39 -13.57 -39.21
N TYR C 93 0.34 -13.57 -40.31
CA TYR C 93 0.97 -14.74 -40.86
C TYR C 93 2.21 -14.20 -41.53
N LYS C 94 3.34 -14.65 -41.04
CA LYS C 94 4.59 -14.51 -41.76
C LYS C 94 4.88 -13.07 -41.99
N GLY C 95 4.56 -12.26 -41.01
CA GLY C 95 4.97 -10.88 -41.02
C GLY C 95 4.04 -9.96 -41.78
N ARG C 96 3.03 -10.54 -42.39
CA ARG C 96 2.11 -9.81 -43.25
C ARG C 96 0.71 -9.82 -42.68
N TYR C 97 0.05 -8.68 -42.65
CA TYR C 97 -1.30 -8.63 -42.09
C TYR C 97 -2.34 -9.35 -42.91
N ILE C 98 -2.92 -10.40 -42.34
CA ILE C 98 -3.97 -11.15 -43.01
C ILE C 98 -5.36 -10.67 -42.58
N ASP C 99 -6.29 -10.68 -43.52
CA ASP C 99 -7.66 -10.27 -43.24
C ASP C 99 -8.64 -11.08 -44.11
N PHE C 100 -9.82 -11.37 -43.55
CA PHE C 100 -10.93 -11.86 -44.36
C PHE C 100 -12.26 -11.85 -43.67
N GLU C 101 -13.24 -12.41 -44.38
CA GLU C 101 -14.60 -12.52 -43.87
C GLU C 101 -15.07 -13.95 -44.06
N ALA C 102 -16.07 -14.36 -43.30
CA ALA C 102 -16.56 -15.71 -43.47
C ALA C 102 -18.05 -15.70 -43.44
N LYS C 103 -18.63 -15.70 -44.64
CA LYS C 103 -20.06 -15.81 -44.75
C LYS C 103 -20.25 -17.23 -45.21
N GLU C 104 -21.46 -17.74 -45.07
CA GLU C 104 -21.75 -19.09 -45.49
C GLU C 104 -23.18 -19.31 -45.92
N THR C 105 -23.40 -19.69 -47.18
CA THR C 105 -24.77 -19.89 -47.69
C THR C 105 -25.13 -21.33 -48.13
N LYS C 106 -26.29 -21.81 -47.69
CA LYS C 106 -26.78 -23.14 -48.04
C LYS C 106 -27.37 -23.23 -49.46
N ASN C 107 -28.20 -22.26 -49.82
CA ASN C 107 -28.96 -22.39 -51.03
C ASN C 107 -28.04 -22.68 -52.17
N LYS C 108 -28.35 -23.76 -52.84
CA LYS C 108 -27.61 -24.21 -54.03
C LYS C 108 -27.86 -23.37 -55.27
N THR C 109 -28.76 -22.41 -55.11
CA THR C 109 -29.09 -21.47 -56.15
C THR C 109 -27.99 -20.55 -56.67
N SER C 110 -27.56 -19.64 -55.81
CA SER C 110 -26.41 -18.82 -55.97
C SER C 110 -26.00 -18.31 -54.62
N PHE C 111 -25.07 -17.37 -54.54
CA PHE C 111 -24.65 -16.87 -53.23
C PHE C 111 -24.97 -15.40 -53.19
N PRO C 112 -25.72 -15.03 -52.18
CA PRO C 112 -26.27 -13.66 -52.05
C PRO C 112 -25.32 -12.60 -51.45
N LEU C 113 -24.92 -11.59 -52.23
CA LEU C 113 -24.07 -10.50 -51.71
C LEU C 113 -24.73 -9.78 -50.53
N GLN C 114 -26.00 -10.08 -50.29
CA GLN C 114 -26.76 -9.50 -49.21
C GLN C 114 -26.07 -9.72 -47.84
N ASN C 115 -25.12 -10.66 -47.82
CA ASN C 115 -24.36 -11.01 -46.60
C ASN C 115 -23.30 -9.96 -46.21
N PHE C 116 -22.43 -9.60 -47.16
CA PHE C 116 -21.43 -8.56 -46.95
C PHE C 116 -22.09 -7.19 -46.99
N HIS C 117 -21.67 -6.27 -46.13
CA HIS C 117 -22.23 -4.92 -46.20
C HIS C 117 -21.21 -3.93 -46.78
N ASP C 118 -21.62 -2.67 -46.91
CA ASP C 118 -20.82 -1.67 -47.62
C ASP C 118 -19.57 -1.35 -46.82
N HIS C 119 -19.75 -1.16 -45.52
CA HIS C 119 -18.68 -0.77 -44.64
C HIS C 119 -17.60 -1.83 -44.66
N GLN C 120 -17.98 -3.10 -44.69
CA GLN C 120 -17.00 -4.17 -44.70
C GLN C 120 -16.15 -4.02 -45.92
N ILE C 121 -16.82 -3.94 -47.07
CA ILE C 121 -16.16 -3.72 -48.35
C ILE C 121 -15.23 -2.49 -48.37
N GLU C 122 -15.67 -1.41 -47.75
CA GLU C 122 -14.86 -0.20 -47.71
C GLU C 122 -13.61 -0.53 -46.94
N HIS C 123 -13.79 -1.23 -45.84
CA HIS C 123 -12.68 -1.52 -44.98
C HIS C 123 -11.62 -2.32 -45.72
N MET C 124 -12.02 -3.45 -46.27
CA MET C 124 -11.06 -4.29 -46.96
C MET C 124 -10.68 -3.64 -48.30
N LYS C 125 -11.25 -2.48 -48.57
CA LYS C 125 -10.76 -1.69 -49.66
C LYS C 125 -9.49 -1.01 -49.13
N GLN C 126 -9.64 -0.26 -48.03
CA GLN C 126 -8.49 0.33 -47.32
C GLN C 126 -7.33 -0.67 -47.18
N VAL C 127 -7.67 -1.89 -46.77
CA VAL C 127 -6.68 -2.93 -46.48
C VAL C 127 -5.81 -3.25 -47.68
N LYS C 128 -6.41 -3.64 -48.79
CA LYS C 128 -5.61 -3.94 -49.96
C LYS C 128 -5.00 -2.64 -50.49
N ALA C 129 -5.53 -1.50 -50.05
CA ALA C 129 -4.92 -0.20 -50.35
C ALA C 129 -3.71 0.02 -49.48
N GLN C 130 -3.45 -0.95 -48.60
CA GLN C 130 -2.26 -0.92 -47.75
C GLN C 130 -1.48 -2.25 -47.74
N ASP C 131 -1.31 -2.87 -48.90
CA ASP C 131 -0.49 -4.08 -49.00
C ASP C 131 -0.96 -5.19 -48.04
N GLY C 132 -2.25 -5.17 -47.70
CA GLY C 132 -2.81 -6.23 -46.88
C GLY C 132 -3.20 -7.46 -47.69
N ILE C 133 -3.13 -8.64 -47.09
CA ILE C 133 -3.63 -9.84 -47.74
C ILE C 133 -5.04 -10.02 -47.26
N CYS C 134 -5.98 -10.19 -48.19
CA CYS C 134 -7.38 -9.96 -47.86
C CYS C 134 -8.39 -10.94 -48.52
N PHE C 135 -8.46 -12.15 -47.99
CA PHE C 135 -9.34 -13.21 -48.51
C PHE C 135 -10.83 -12.85 -48.39
N VAL C 136 -11.69 -13.76 -48.84
CA VAL C 136 -13.10 -13.81 -48.45
C VAL C 136 -13.48 -15.28 -48.44
N ILE C 137 -13.89 -15.77 -47.29
CA ILE C 137 -14.16 -17.19 -47.26
C ILE C 137 -15.63 -17.63 -47.17
N ILE C 138 -16.11 -18.21 -48.27
CA ILE C 138 -17.47 -18.73 -48.34
C ILE C 138 -17.52 -20.22 -48.59
N SER C 139 -18.36 -20.90 -47.82
CA SER C 139 -18.46 -22.35 -47.88
C SER C 139 -19.70 -22.84 -48.64
N ALA C 140 -20.08 -22.09 -49.67
CA ALA C 140 -21.26 -22.39 -50.47
C ALA C 140 -21.09 -23.55 -51.43
N PHE C 141 -22.19 -24.29 -51.63
CA PHE C 141 -22.33 -25.36 -52.62
C PHE C 141 -21.59 -26.60 -52.17
N ASP C 142 -21.61 -26.84 -50.87
CA ASP C 142 -20.83 -27.94 -50.31
C ASP C 142 -19.38 -27.89 -50.80
N GLN C 143 -18.67 -26.86 -50.37
CA GLN C 143 -17.33 -26.56 -50.89
C GLN C 143 -16.88 -25.34 -50.10
N VAL C 144 -15.57 -25.17 -49.92
CA VAL C 144 -15.10 -23.95 -49.29
C VAL C 144 -14.34 -23.05 -50.26
N TYR C 145 -14.95 -21.91 -50.58
CA TYR C 145 -14.40 -21.03 -51.59
C TYR C 145 -13.59 -19.91 -50.99
N PHE C 146 -12.29 -19.93 -51.28
CA PHE C 146 -11.39 -18.85 -50.93
C PHE C 146 -11.47 -17.78 -51.99
N LEU C 147 -12.18 -16.68 -51.74
CA LEU C 147 -12.39 -15.70 -52.81
C LEU C 147 -11.54 -14.43 -52.72
N GLU C 148 -10.57 -14.30 -53.62
CA GLU C 148 -9.69 -13.14 -53.69
C GLU C 148 -10.50 -11.83 -53.64
N ALA C 149 -9.84 -10.74 -53.28
CA ALA C 149 -10.56 -9.50 -52.92
C ALA C 149 -11.12 -8.77 -54.13
N ASP C 150 -10.22 -8.46 -55.08
CA ASP C 150 -10.55 -7.74 -56.31
C ASP C 150 -11.78 -8.29 -57.01
N LYS C 151 -11.87 -9.62 -57.01
CA LYS C 151 -12.99 -10.33 -57.58
C LYS C 151 -14.28 -10.05 -56.80
N LEU C 152 -14.23 -10.12 -55.48
CA LEU C 152 -15.39 -9.74 -54.69
C LEU C 152 -15.83 -8.29 -54.94
N PHE C 153 -14.84 -7.42 -55.02
CA PHE C 153 -15.06 -6.02 -55.35
C PHE C 153 -15.87 -5.95 -56.62
N TYR C 154 -15.35 -6.58 -57.66
CA TYR C 154 -16.06 -6.75 -58.95
C TYR C 154 -17.55 -7.12 -58.82
N PHE C 155 -17.84 -8.29 -58.22
CA PHE C 155 -19.23 -8.70 -58.04
C PHE C 155 -20.05 -7.60 -57.36
N TRP C 156 -19.42 -6.94 -56.39
CA TRP C 156 -20.11 -5.96 -55.58
C TRP C 156 -20.33 -4.71 -56.42
N ASP C 157 -19.54 -4.59 -57.49
CA ASP C 157 -19.48 -3.39 -58.31
C ASP C 157 -20.57 -3.46 -59.35
N ARG C 158 -20.50 -4.50 -60.18
CA ARG C 158 -21.61 -4.93 -61.00
C ARG C 158 -22.92 -4.77 -60.24
N LYS C 159 -23.01 -5.43 -59.09
CA LYS C 159 -24.17 -5.33 -58.21
C LYS C 159 -24.52 -3.87 -57.88
N GLU C 160 -23.52 -3.03 -57.71
CA GLU C 160 -23.76 -1.66 -57.29
C GLU C 160 -24.32 -0.86 -58.46
N LYS C 161 -24.14 -1.39 -59.67
CA LYS C 161 -24.70 -0.75 -60.86
C LYS C 161 -26.11 -1.28 -61.14
N ASN C 162 -26.86 -1.54 -60.06
CA ASN C 162 -28.18 -2.18 -60.07
C ASN C 162 -28.20 -3.50 -60.86
N GLY C 163 -27.05 -4.18 -60.89
CA GLY C 163 -26.89 -5.44 -61.58
C GLY C 163 -27.12 -6.66 -60.70
N ARG C 164 -26.50 -7.78 -61.05
CA ARG C 164 -26.74 -9.04 -60.34
C ARG C 164 -26.39 -8.93 -58.87
N LYS C 165 -27.41 -8.93 -58.03
CA LYS C 165 -27.22 -8.84 -56.59
C LYS C 165 -26.83 -10.18 -55.98
N SER C 166 -26.07 -10.97 -56.73
CA SER C 166 -25.58 -12.24 -56.25
C SER C 166 -24.48 -12.73 -57.15
N ILE C 167 -23.78 -13.77 -56.68
CA ILE C 167 -22.88 -14.52 -57.54
C ILE C 167 -23.52 -15.89 -57.78
N ARG C 168 -23.82 -16.17 -59.04
CA ARG C 168 -24.46 -17.41 -59.39
C ARG C 168 -23.54 -18.56 -59.09
N LYS C 169 -24.13 -19.71 -58.75
CA LYS C 169 -23.41 -20.93 -58.39
C LYS C 169 -22.10 -21.16 -59.14
N ASP C 170 -22.09 -20.93 -60.45
CA ASP C 170 -20.95 -21.32 -61.24
C ASP C 170 -19.98 -20.19 -61.55
N GLU C 171 -20.41 -18.95 -61.37
CA GLU C 171 -19.49 -17.87 -61.76
C GLU C 171 -18.37 -17.67 -60.74
N LEU C 172 -18.63 -17.92 -59.47
CA LEU C 172 -17.51 -17.92 -58.53
C LEU C 172 -16.53 -19.03 -58.88
N GLU C 173 -17.04 -20.13 -59.40
CA GLU C 173 -16.26 -21.35 -59.56
C GLU C 173 -14.89 -21.23 -60.22
N GLU C 174 -14.64 -20.14 -60.95
CA GLU C 174 -13.27 -19.79 -61.33
C GLU C 174 -12.82 -18.44 -60.73
N THR C 175 -13.78 -17.58 -60.43
CA THR C 175 -13.46 -16.35 -59.69
C THR C 175 -12.72 -16.71 -58.39
N ALA C 176 -13.10 -17.86 -57.81
CA ALA C 176 -12.61 -18.29 -56.48
C ALA C 176 -11.86 -19.62 -56.47
N TYR C 177 -11.16 -19.86 -55.37
CA TYR C 177 -10.43 -21.12 -55.18
C TYR C 177 -11.16 -21.98 -54.15
N PRO C 178 -11.26 -23.29 -54.44
CA PRO C 178 -11.86 -24.20 -53.47
C PRO C 178 -10.79 -24.48 -52.43
N ILE C 179 -11.02 -24.11 -51.18
CA ILE C 179 -9.99 -24.33 -50.15
C ILE C 179 -9.87 -25.84 -49.94
N SER C 180 -8.72 -26.29 -49.46
CA SER C 180 -8.46 -27.71 -49.29
C SER C 180 -8.98 -28.29 -47.96
N LEU C 181 -10.30 -28.49 -47.85
CA LEU C 181 -10.92 -28.96 -46.60
C LEU C 181 -10.36 -30.28 -46.04
N GLY C 182 -9.58 -30.22 -44.97
CA GLY C 182 -8.88 -31.38 -44.44
C GLY C 182 -9.31 -31.72 -43.04
N TYR C 183 -8.54 -32.56 -42.34
CA TYR C 183 -8.80 -32.86 -40.94
C TYR C 183 -7.99 -32.14 -39.85
N ALA C 184 -6.68 -32.02 -40.01
CA ALA C 184 -5.92 -31.36 -38.98
C ALA C 184 -6.38 -29.96 -38.97
N PRO C 185 -6.28 -29.31 -40.21
CA PRO C 185 -6.85 -27.97 -40.21
C PRO C 185 -7.95 -27.91 -41.22
N ARG C 186 -9.16 -27.68 -40.78
CA ARG C 186 -10.27 -28.11 -41.54
C ARG C 186 -10.47 -27.53 -42.92
N ILE C 187 -10.26 -26.24 -43.10
CA ILE C 187 -10.79 -25.46 -44.22
C ILE C 187 -9.42 -24.77 -44.45
N ASP C 188 -8.34 -25.56 -44.60
CA ASP C 188 -6.99 -24.99 -44.75
C ASP C 188 -6.89 -23.97 -45.83
N TYR C 189 -6.68 -22.72 -45.43
CA TYR C 189 -6.56 -21.61 -46.35
C TYR C 189 -5.15 -21.02 -46.23
N ILE C 190 -4.47 -21.37 -45.15
CA ILE C 190 -3.14 -20.83 -44.89
C ILE C 190 -2.23 -21.11 -46.05
N SER C 191 -2.42 -22.29 -46.68
CA SER C 191 -1.51 -22.70 -47.73
C SER C 191 -1.90 -22.10 -49.10
N ILE C 192 -3.16 -21.68 -49.24
CA ILE C 192 -3.54 -20.90 -50.41
C ILE C 192 -2.77 -19.59 -50.38
N ILE C 193 -2.91 -18.87 -49.27
CA ILE C 193 -2.20 -17.62 -49.07
C ILE C 193 -0.69 -17.85 -49.09
N GLU C 194 -0.28 -19.07 -48.73
CA GLU C 194 1.12 -19.45 -48.69
C GLU C 194 1.63 -19.59 -50.10
N GLN C 195 0.71 -19.93 -51.00
CA GLN C 195 1.08 -20.24 -52.37
C GLN C 195 1.15 -19.01 -53.24
N LEU C 196 0.10 -18.20 -53.16
CA LEU C 196 0.07 -16.95 -53.92
C LEU C 196 1.30 -16.08 -53.56
N TYR C 197 1.34 -15.63 -52.31
CA TYR C 197 2.49 -14.92 -51.73
C TYR C 197 3.22 -15.99 -50.95
N PHE C 198 4.54 -15.96 -50.90
CA PHE C 198 5.36 -14.94 -51.55
C PHE C 198 6.07 -15.61 -52.73
N SER C 199 5.97 -16.93 -52.80
CA SER C 199 6.53 -17.72 -53.90
C SER C 199 6.13 -17.18 -55.28
N MET D 1 46.24 -37.25 27.67
CA MET D 1 46.51 -38.08 26.50
C MET D 1 46.02 -37.44 25.19
N ILE D 2 44.78 -37.78 24.80
CA ILE D 2 44.21 -37.35 23.53
C ILE D 2 44.04 -35.83 23.44
N ARG D 3 43.35 -35.24 24.40
CA ARG D 3 43.09 -33.79 24.40
C ARG D 3 43.10 -33.24 25.82
N TYR D 4 43.14 -31.92 25.96
CA TYR D 4 43.09 -31.30 27.29
C TYR D 4 42.05 -30.17 27.39
N PRO D 5 41.27 -30.16 28.55
CA PRO D 5 40.45 -28.95 28.66
C PRO D 5 41.21 -27.83 29.32
N ASN D 6 41.50 -26.85 28.50
CA ASN D 6 42.16 -25.58 28.80
C ASN D 6 41.12 -24.47 28.90
N GLY D 7 41.42 -23.42 29.69
CA GLY D 7 40.47 -22.35 29.96
C GLY D 7 39.78 -21.83 28.72
N LYS D 8 38.48 -21.52 28.84
CA LYS D 8 37.66 -21.07 27.71
C LYS D 8 38.41 -20.16 26.74
N THR D 9 38.35 -20.50 25.46
CA THR D 9 39.19 -19.86 24.44
C THR D 9 39.06 -18.34 24.44
N PHE D 10 37.84 -17.84 24.41
CA PHE D 10 37.61 -16.42 24.14
C PHE D 10 37.45 -15.54 25.39
N GLN D 11 37.28 -16.15 26.56
CA GLN D 11 37.30 -15.41 27.84
C GLN D 11 37.17 -16.26 29.09
N PRO D 12 37.99 -15.98 30.11
CA PRO D 12 37.68 -16.15 31.53
C PRO D 12 36.89 -14.96 32.12
N LYS D 13 36.54 -15.04 33.40
CA LYS D 13 35.67 -14.05 34.04
C LYS D 13 36.33 -12.68 34.19
N HIS D 14 37.57 -12.67 34.70
CA HIS D 14 38.34 -11.43 34.80
C HIS D 14 39.58 -11.52 33.93
N SER D 15 39.36 -11.45 32.61
CA SER D 15 40.40 -11.64 31.62
C SER D 15 40.45 -10.41 30.69
N VAL D 16 41.58 -10.16 30.03
CA VAL D 16 42.77 -11.01 30.08
C VAL D 16 43.90 -10.43 30.92
N SER D 17 44.20 -9.15 30.70
CA SER D 17 45.39 -8.51 31.27
C SER D 17 45.37 -8.28 32.78
N SER D 18 44.18 -8.30 33.38
CA SER D 18 43.96 -7.88 34.77
C SER D 18 44.15 -6.37 34.95
N GLN D 19 43.74 -5.59 33.95
CA GLN D 19 43.70 -4.15 34.06
C GLN D 19 42.34 -3.49 33.77
N ASN D 20 41.54 -4.07 32.88
CA ASN D 20 40.26 -3.45 32.50
C ASN D 20 38.94 -4.23 32.62
N SER D 21 38.97 -5.51 32.97
CA SER D 21 37.80 -6.38 32.80
C SER D 21 37.32 -7.28 33.95
N GLN D 22 36.00 -7.47 33.99
CA GLN D 22 35.31 -8.58 34.63
C GLN D 22 34.27 -9.04 33.60
N LYS D 23 33.50 -10.08 33.91
CA LYS D 23 32.53 -10.60 32.94
C LYS D 23 31.06 -10.23 33.21
N ARG D 24 30.81 -9.37 34.19
CA ARG D 24 29.51 -9.14 34.82
C ARG D 24 29.49 -7.70 35.35
N ALA D 25 28.55 -7.29 36.20
CA ALA D 25 27.55 -8.13 36.86
C ALA D 25 26.26 -7.38 37.22
N PRO D 26 25.36 -7.14 36.28
CA PRO D 26 24.07 -6.57 36.66
C PRO D 26 23.01 -7.62 37.03
N SER D 27 23.19 -8.33 38.14
CA SER D 27 22.23 -9.39 38.48
C SER D 27 21.51 -9.43 39.86
N TYR D 28 22.25 -9.33 40.96
CA TYR D 28 21.80 -9.67 42.31
C TYR D 28 20.82 -8.65 42.85
N SER D 29 20.07 -8.99 43.91
CA SER D 29 19.08 -8.02 44.36
C SER D 29 19.24 -7.88 45.87
N ASN D 30 19.39 -6.65 46.34
CA ASN D 30 19.56 -6.33 47.75
C ASN D 30 21.02 -6.45 48.15
N ARG D 31 21.83 -7.03 47.27
CA ARG D 31 23.26 -7.06 47.45
C ARG D 31 23.93 -6.81 46.10
N GLY D 32 24.83 -5.83 46.00
CA GLY D 32 25.07 -4.82 47.02
C GLY D 32 24.74 -3.40 46.60
N MET D 33 23.87 -2.78 47.38
CA MET D 33 23.40 -1.41 47.20
C MET D 33 22.27 -1.29 46.21
N THR D 34 21.84 -2.43 45.64
CA THR D 34 20.96 -2.42 44.48
C THR D 34 19.52 -2.45 44.88
N LEU D 35 18.88 -1.32 44.69
CA LEU D 35 17.50 -1.16 45.02
C LEU D 35 16.76 -0.94 43.74
N GLU D 36 17.40 -0.24 42.84
CA GLU D 36 16.75 -0.09 41.55
C GLU D 36 16.20 -1.41 41.04
N ASP D 37 16.90 -2.51 41.35
CA ASP D 37 16.46 -3.85 40.98
C ASP D 37 15.39 -4.34 41.94
N ASP D 38 15.58 -4.07 43.22
CA ASP D 38 14.48 -4.21 44.19
C ASP D 38 13.26 -3.43 43.72
N LEU D 39 13.49 -2.21 43.26
CA LEU D 39 12.39 -1.35 42.83
C LEU D 39 11.67 -1.81 41.58
N ASN D 40 12.40 -2.26 40.56
CA ASN D 40 11.75 -2.78 39.37
C ASN D 40 10.95 -4.01 39.73
N GLU D 41 11.57 -4.94 40.45
CA GLU D 41 10.83 -6.11 40.89
C GLU D 41 9.53 -5.67 41.61
N THR D 42 9.64 -4.77 42.59
CA THR D 42 8.41 -4.30 43.24
C THR D 42 7.35 -3.70 42.27
N ASN D 43 7.75 -2.68 41.50
CA ASN D 43 6.89 -2.05 40.50
C ASN D 43 6.12 -3.00 39.60
N LYS D 44 6.83 -4.02 39.11
CA LYS D 44 6.21 -5.03 38.29
C LYS D 44 5.19 -5.84 39.08
N TYR D 45 5.50 -6.15 40.34
CA TYR D 45 4.54 -6.89 41.17
C TYR D 45 3.19 -6.16 41.23
N TYR D 46 3.27 -4.84 41.41
CA TYR D 46 2.10 -3.97 41.50
C TYR D 46 1.36 -3.92 40.21
N LEU D 47 2.11 -3.81 39.12
CA LEU D 47 1.50 -3.83 37.78
C LEU D 47 0.68 -5.10 37.50
N THR D 48 1.29 -6.26 37.65
CA THR D 48 0.63 -7.49 37.29
C THR D 48 -0.60 -7.73 38.15
N ASN D 49 -0.56 -7.18 39.37
CA ASN D 49 -1.59 -7.47 40.37
C ASN D 49 -2.67 -6.44 40.41
N GLN D 50 -2.66 -5.56 39.42
CA GLN D 50 -3.70 -4.55 39.25
C GLN D 50 -3.89 -3.73 40.51
N ILE D 51 -2.79 -3.23 41.08
CA ILE D 51 -2.88 -2.31 42.21
C ILE D 51 -2.30 -0.90 41.97
N ALA D 52 -1.36 -0.77 41.03
CA ALA D 52 -0.82 0.53 40.63
C ALA D 52 0.03 0.40 39.36
N VAL D 53 0.08 1.46 38.55
CA VAL D 53 0.92 1.40 37.33
C VAL D 53 2.02 2.47 37.34
N ILE D 54 3.12 2.15 38.01
CA ILE D 54 4.28 3.04 38.05
C ILE D 54 5.37 2.44 37.22
N HIS D 55 6.06 3.30 36.47
CA HIS D 55 7.23 2.89 35.75
C HIS D 55 8.38 3.85 36.06
N LYS D 56 9.53 3.61 35.47
CA LYS D 56 10.69 4.46 35.70
C LYS D 56 11.03 5.16 34.41
N LYS D 57 11.13 6.49 34.44
CA LYS D 57 11.48 7.20 33.21
C LYS D 57 12.86 6.73 32.78
N PRO D 58 13.01 6.39 31.51
CA PRO D 58 14.32 5.98 31.00
C PRO D 58 15.16 7.22 30.83
N THR D 59 16.42 7.07 30.46
CA THR D 59 17.25 8.25 30.26
C THR D 59 16.92 9.02 28.99
N PRO D 60 16.67 10.34 29.13
CA PRO D 60 16.42 11.26 28.02
C PRO D 60 17.64 11.39 27.10
N VAL D 61 17.46 11.07 25.83
CA VAL D 61 18.54 11.24 24.87
C VAL D 61 17.94 11.48 23.52
N GLN D 62 18.53 12.40 22.77
CA GLN D 62 18.11 12.69 21.41
C GLN D 62 18.71 11.64 20.53
N ILE D 63 18.07 11.39 19.39
CA ILE D 63 18.58 10.41 18.45
C ILE D 63 18.78 11.03 17.09
N VAL D 64 19.92 10.79 16.47
CA VAL D 64 20.16 11.34 15.15
C VAL D 64 20.43 10.39 14.00
N ASN D 65 20.93 9.18 14.24
CA ASN D 65 21.25 8.28 13.12
C ASN D 65 20.92 6.81 13.38
N VAL D 66 20.70 6.03 12.33
CA VAL D 66 20.31 4.63 12.51
C VAL D 66 20.56 3.80 11.24
N HIS D 67 21.20 2.64 11.39
CA HIS D 67 21.43 1.72 10.28
C HIS D 67 20.74 0.40 10.58
N TYR D 68 20.53 -0.42 9.55
CA TYR D 68 19.69 -1.60 9.69
C TYR D 68 20.27 -2.85 9.05
N PRO D 69 21.08 -3.60 9.81
CA PRO D 69 21.73 -4.83 9.36
C PRO D 69 20.70 -5.77 8.77
N LYS D 70 21.00 -6.28 7.57
CA LYS D 70 20.03 -6.96 6.72
C LYS D 70 19.29 -8.11 7.39
N ARG D 71 20.06 -9.09 7.88
CA ARG D 71 19.52 -10.33 8.44
C ARG D 71 18.36 -10.14 9.43
N SER D 72 18.74 -9.62 10.57
CA SER D 72 17.83 -9.03 11.48
C SER D 72 18.73 -7.93 11.93
N ALA D 73 18.23 -6.69 11.90
CA ALA D 73 18.93 -5.55 12.52
C ALA D 73 18.12 -4.24 12.68
N ALA D 74 18.46 -3.38 13.66
CA ALA D 74 18.19 -1.96 13.63
C ALA D 74 19.06 -1.33 14.72
N VAL D 75 20.08 -0.58 14.33
CA VAL D 75 21.04 -0.04 15.28
C VAL D 75 21.19 1.47 15.18
N ILE D 76 21.20 2.15 16.32
CA ILE D 76 21.41 3.59 16.35
C ILE D 76 22.90 3.95 16.42
N LYS D 77 23.37 4.76 15.48
CA LYS D 77 24.78 5.16 15.42
C LYS D 77 25.07 6.50 16.13
N GLU D 78 24.07 7.37 16.24
CA GLU D 78 24.30 8.70 16.80
C GLU D 78 23.14 9.23 17.65
N ALA D 79 23.17 8.93 18.94
CA ALA D 79 22.28 9.57 19.89
C ALA D 79 23.07 10.45 20.88
N TYR D 80 22.45 11.50 21.39
CA TYR D 80 23.11 12.40 22.31
C TYR D 80 22.35 12.53 23.64
N PHE D 81 23.04 12.26 24.76
CA PHE D 81 22.39 12.25 26.08
C PHE D 81 21.64 13.56 26.34
N LYS D 82 20.79 13.60 27.35
CA LYS D 82 20.04 14.82 27.59
C LYS D 82 19.87 15.14 29.07
N GLN D 83 19.60 16.41 29.35
CA GLN D 83 19.39 16.86 30.72
C GLN D 83 17.99 16.47 31.11
N SER D 84 17.89 15.63 32.12
CA SER D 84 16.61 15.24 32.67
C SER D 84 16.08 16.32 33.61
N SER D 85 14.87 16.82 33.32
CA SER D 85 14.29 17.86 34.14
C SER D 85 13.29 17.29 35.13
N THR D 86 13.07 15.98 35.08
CA THR D 86 12.11 15.34 35.97
C THR D 86 12.70 14.18 36.80
N THR D 87 11.98 13.85 37.88
CA THR D 87 12.35 12.73 38.75
C THR D 87 12.23 11.36 38.07
N ASN D 88 12.62 10.32 38.81
CA ASN D 88 12.90 9.01 38.23
C ASN D 88 11.70 8.15 37.85
N TYR D 89 10.79 7.94 38.80
CA TYR D 89 9.66 7.08 38.56
C TYR D 89 8.39 7.87 38.65
N ASN D 90 7.41 7.52 37.83
CA ASN D 90 6.05 7.97 38.06
C ASN D 90 5.02 7.04 37.48
N GLY D 91 3.80 7.18 37.96
CA GLY D 91 2.76 6.25 37.57
C GLY D 91 1.43 6.59 38.18
N ILE D 92 0.60 5.58 38.34
CA ILE D 92 -0.76 5.81 38.80
C ILE D 92 -1.11 5.00 40.05
N TYR D 93 -1.88 5.63 40.93
CA TYR D 93 -2.56 4.93 42.02
C TYR D 93 -4.00 5.46 42.11
N LYS D 94 -4.96 4.56 41.99
CA LYS D 94 -6.30 4.83 42.39
C LYS D 94 -6.76 6.14 41.81
N GLY D 95 -6.38 6.45 40.59
CA GLY D 95 -6.80 7.67 39.94
C GLY D 95 -5.75 8.76 39.94
N ARG D 96 -4.97 8.81 41.01
CA ARG D 96 -4.06 9.93 41.16
C ARG D 96 -2.67 9.58 40.68
N TYR D 97 -1.97 10.61 40.22
CA TYR D 97 -0.56 10.61 39.84
C TYR D 97 0.35 10.25 41.01
N ILE D 98 1.51 9.67 40.72
CA ILE D 98 2.47 9.31 41.75
C ILE D 98 3.90 9.50 41.25
N ASP D 99 4.77 10.12 42.04
CA ASP D 99 6.13 10.45 41.59
C ASP D 99 7.18 10.12 42.66
N PHE D 100 7.76 8.94 42.58
CA PHE D 100 8.78 8.50 43.55
C PHE D 100 10.11 9.14 43.21
N GLU D 101 11.16 8.64 43.89
CA GLU D 101 12.54 8.88 43.50
C GLU D 101 13.47 7.99 44.33
N ALA D 102 14.46 7.37 43.71
CA ALA D 102 15.34 6.49 44.45
C ALA D 102 16.81 6.88 44.40
N LYS D 103 17.30 7.44 45.51
CA LYS D 103 18.73 7.73 45.65
C LYS D 103 19.33 6.91 46.79
N GLU D 104 20.56 6.47 46.61
CA GLU D 104 21.34 5.76 47.58
C GLU D 104 22.83 5.85 47.84
N THR D 105 23.18 6.35 49.02
CA THR D 105 24.57 6.39 49.43
C THR D 105 24.82 5.41 50.55
N LYS D 106 25.98 4.76 50.52
CA LYS D 106 26.32 3.75 51.51
C LYS D 106 26.91 4.36 52.79
N ASN D 107 27.13 5.68 52.78
CA ASN D 107 27.69 6.41 53.92
C ASN D 107 26.96 6.04 55.20
N LYS D 108 27.71 5.66 56.23
CA LYS D 108 27.10 5.04 57.39
C LYS D 108 26.75 6.13 58.39
N THR D 109 27.20 7.35 58.14
CA THR D 109 27.00 8.47 59.03
C THR D 109 25.78 9.39 58.79
N SER D 110 25.79 9.99 57.60
CA SER D 110 24.66 10.78 57.14
C SER D 110 24.37 10.50 55.68
N PHE D 111 23.34 11.18 55.14
CA PHE D 111 22.97 11.10 53.71
C PHE D 111 23.41 12.34 52.91
N PRO D 112 24.34 12.16 51.98
CA PRO D 112 24.86 13.31 51.22
C PRO D 112 23.77 14.00 50.37
N LEU D 113 23.38 15.21 50.75
CA LEU D 113 22.25 15.90 50.10
C LEU D 113 22.56 16.32 48.68
N GLN D 114 23.84 16.30 48.33
CA GLN D 114 24.29 16.71 47.02
C GLN D 114 23.74 15.82 45.92
N ASN D 115 23.52 14.54 46.21
CA ASN D 115 23.10 13.59 45.17
C ASN D 115 21.60 13.70 44.78
N PHE D 116 20.99 14.82 45.17
CA PHE D 116 19.70 15.24 44.66
C PHE D 116 19.89 16.65 44.11
N HIS D 117 19.47 16.90 42.88
CA HIS D 117 19.77 18.17 42.24
C HIS D 117 18.67 19.19 42.36
N ASP D 118 18.92 20.35 41.76
CA ASP D 118 17.99 21.48 41.78
C ASP D 118 16.77 21.15 40.97
N HIS D 119 16.99 20.88 39.69
CA HIS D 119 15.91 20.66 38.72
C HIS D 119 14.92 19.62 39.23
N GLN D 120 15.47 18.60 39.89
CA GLN D 120 14.69 17.47 40.37
C GLN D 120 13.70 17.97 41.39
N ILE D 121 14.18 18.63 42.43
CA ILE D 121 13.27 19.11 43.45
C ILE D 121 12.36 20.21 42.87
N GLU D 122 12.97 21.19 42.23
CA GLU D 122 12.24 22.23 41.54
C GLU D 122 11.08 21.66 40.75
N HIS D 123 11.21 20.40 40.32
CA HIS D 123 10.11 19.73 39.65
C HIS D 123 9.11 19.17 40.64
N MET D 124 9.63 18.56 41.70
CA MET D 124 8.75 18.08 42.77
C MET D 124 7.80 19.20 43.23
N LYS D 125 8.24 20.44 43.08
CA LYS D 125 7.42 21.60 43.33
C LYS D 125 6.13 21.57 42.54
N GLN D 126 6.20 21.57 41.19
CA GLN D 126 4.96 21.52 40.37
C GLN D 126 4.16 20.23 40.62
N VAL D 127 4.87 19.15 40.93
CA VAL D 127 4.18 17.94 41.37
C VAL D 127 3.23 18.22 42.57
N LYS D 128 3.76 18.64 43.72
CA LYS D 128 2.91 18.92 44.88
C LYS D 128 1.94 20.05 44.59
N ALA D 129 2.29 20.90 43.64
CA ALA D 129 1.46 22.03 43.25
C ALA D 129 0.17 21.54 42.64
N GLN D 130 0.23 20.47 41.85
CA GLN D 130 -0.96 19.98 41.18
C GLN D 130 -1.61 18.81 41.89
N ASP D 131 -1.45 18.75 43.21
CA ASP D 131 -2.05 17.69 44.05
C ASP D 131 -1.35 16.34 43.88
N GLY D 132 -0.12 16.35 43.39
CA GLY D 132 0.62 15.11 43.27
C GLY D 132 0.99 14.46 44.59
N ILE D 133 1.24 13.15 44.52
CA ILE D 133 1.86 12.42 45.61
C ILE D 133 3.32 12.27 45.21
N CYS D 134 4.17 13.15 45.72
CA CYS D 134 5.58 13.07 45.40
C CYS D 134 6.30 12.50 46.60
N PHE D 135 7.34 11.70 46.38
CA PHE D 135 7.90 10.94 47.47
C PHE D 135 9.35 10.76 47.12
N VAL D 136 10.19 10.52 48.11
CA VAL D 136 11.55 10.10 47.84
C VAL D 136 11.92 8.91 48.70
N ILE D 137 12.22 7.80 48.05
CA ILE D 137 12.69 6.63 48.76
C ILE D 137 14.19 6.81 48.91
N ILE D 138 14.65 6.73 50.17
CA ILE D 138 16.05 6.79 50.50
C ILE D 138 16.42 5.45 51.14
N SER D 139 17.48 4.83 50.67
CA SER D 139 17.78 3.48 51.12
C SER D 139 19.20 3.28 51.62
N ALA D 140 19.60 4.09 52.60
CA ALA D 140 20.94 3.96 53.18
C ALA D 140 21.14 3.21 54.50
N PHE D 141 22.37 2.75 54.72
CA PHE D 141 22.66 1.84 55.86
C PHE D 141 21.73 0.77 56.53
N ASP D 142 21.37 -0.17 55.66
CA ASP D 142 20.30 -1.16 55.91
C ASP D 142 18.83 -0.85 56.19
N GLN D 143 18.34 0.22 55.55
CA GLN D 143 17.01 0.73 55.78
C GLN D 143 16.51 1.49 54.54
N VAL D 144 15.25 1.28 54.19
CA VAL D 144 14.63 2.02 53.10
C VAL D 144 13.54 2.92 53.67
N TYR D 145 13.65 4.21 53.42
CA TYR D 145 12.69 5.16 53.97
C TYR D 145 11.78 5.80 52.95
N PHE D 146 10.51 5.81 53.25
CA PHE D 146 9.59 6.64 52.50
C PHE D 146 9.67 8.06 53.02
N LEU D 147 10.46 8.91 52.38
CA LEU D 147 10.54 10.31 52.80
C LEU D 147 9.62 11.20 51.99
N GLU D 148 8.56 11.70 52.62
CA GLU D 148 7.62 12.59 51.95
C GLU D 148 8.34 13.86 51.47
N ALA D 149 7.83 14.48 50.41
CA ALA D 149 8.45 15.67 49.80
C ALA D 149 8.59 16.85 50.77
N ASP D 150 7.50 17.13 51.48
CA ASP D 150 7.41 18.25 52.41
C ASP D 150 8.62 18.29 53.31
N LYS D 151 8.82 17.21 54.06
CA LYS D 151 10.02 17.06 54.85
C LYS D 151 11.27 17.38 54.00
N LEU D 152 11.52 16.55 53.00
CA LEU D 152 12.70 16.67 52.14
C LEU D 152 13.08 18.09 51.71
N PHE D 153 12.21 18.76 50.96
CA PHE D 153 12.54 20.12 50.52
C PHE D 153 12.50 21.17 51.64
N TYR D 154 11.80 20.87 52.73
CA TYR D 154 12.02 21.68 53.93
C TYR D 154 13.52 21.63 54.25
N PHE D 155 14.11 20.43 54.20
CA PHE D 155 15.55 20.29 54.50
C PHE D 155 16.40 21.06 53.50
N TRP D 156 16.26 20.70 52.23
CA TRP D 156 16.99 21.36 51.11
C TRP D 156 16.97 22.87 51.32
N ASP D 157 15.84 23.36 51.82
CA ASP D 157 15.67 24.77 52.15
C ASP D 157 16.43 25.18 53.41
N ARG D 158 16.50 24.29 54.40
CA ARG D 158 17.32 24.57 55.58
C ARG D 158 18.79 24.35 55.25
N LYS D 159 19.04 23.94 54.00
CA LYS D 159 20.38 23.88 53.45
C LYS D 159 20.57 25.01 52.44
N GLU D 160 19.52 25.79 52.23
CA GLU D 160 19.63 26.99 51.41
C GLU D 160 20.47 28.03 52.14
N LYS D 161 19.90 28.59 53.20
CA LYS D 161 20.67 29.44 54.11
C LYS D 161 21.54 28.58 55.01
N ASN D 162 22.84 28.58 54.73
CA ASN D 162 23.77 27.70 55.42
C ASN D 162 23.32 26.25 55.33
N GLY D 163 23.02 25.66 56.49
CA GLY D 163 22.61 24.26 56.57
C GLY D 163 23.71 23.26 56.22
N ARG D 164 23.54 22.03 56.68
CA ARG D 164 24.50 20.98 56.36
C ARG D 164 24.19 20.45 54.98
N LYS D 165 25.23 20.29 54.16
CA LYS D 165 25.06 19.79 52.79
C LYS D 165 24.76 18.30 52.80
N SER D 166 24.24 17.79 53.92
CA SER D 166 23.91 16.39 54.07
C SER D 166 22.91 16.43 55.23
N ILE D 167 22.80 15.11 55.86
CA ILE D 167 21.68 14.75 56.78
C ILE D 167 22.00 13.38 57.36
N ARG D 168 21.90 13.33 58.83
CA ARG D 168 22.01 11.98 59.33
C ARG D 168 20.73 11.33 59.89
N LYS D 169 20.90 10.11 60.36
CA LYS D 169 19.81 9.30 60.91
C LYS D 169 18.87 10.09 61.84
N ASP D 170 19.45 10.62 62.92
CA ASP D 170 18.75 11.27 64.01
C ASP D 170 17.46 12.03 63.65
N GLU D 171 17.52 12.92 62.66
CA GLU D 171 16.38 13.80 62.36
C GLU D 171 15.53 13.06 61.35
N LEU D 172 16.18 12.17 60.62
CA LEU D 172 15.54 11.42 59.56
C LEU D 172 14.50 10.44 60.09
N GLU D 173 14.91 9.60 61.04
CA GLU D 173 14.08 8.53 61.58
C GLU D 173 12.70 8.93 62.18
N GLU D 174 12.52 10.20 62.53
CA GLU D 174 11.18 10.73 62.83
C GLU D 174 10.77 11.77 61.78
N THR D 175 11.66 12.06 60.85
CA THR D 175 11.22 12.88 59.72
C THR D 175 10.90 12.07 58.45
N ALA D 176 10.95 10.74 58.52
CA ALA D 176 10.69 9.93 57.33
C ALA D 176 10.37 8.46 57.63
N TYR D 177 9.18 8.02 57.22
CA TYR D 177 8.76 6.64 57.44
C TYR D 177 9.68 5.66 56.72
N PRO D 178 9.87 4.46 57.30
CA PRO D 178 10.65 3.38 56.66
C PRO D 178 9.75 2.51 55.80
N ILE D 179 10.18 2.14 54.60
CA ILE D 179 9.33 1.33 53.71
C ILE D 179 9.20 -0.09 54.25
N SER D 180 8.07 -0.73 53.99
CA SER D 180 7.80 -2.05 54.55
C SER D 180 8.29 -3.20 53.67
N LEU D 181 9.42 -3.77 54.04
CA LEU D 181 10.11 -4.73 53.19
C LEU D 181 9.75 -6.17 53.53
N GLY D 182 10.34 -7.09 52.78
CA GLY D 182 10.05 -8.50 52.90
C GLY D 182 9.52 -9.05 51.58
N TYR D 183 10.33 -9.81 50.87
CA TYR D 183 9.85 -10.28 49.59
C TYR D 183 8.68 -11.16 49.82
N ALA D 184 7.57 -10.86 49.18
CA ALA D 184 7.44 -9.60 48.45
C ALA D 184 6.03 -9.22 48.01
N PRO D 185 5.70 -7.93 48.18
CA PRO D 185 5.45 -6.98 47.11
C PRO D 185 6.70 -6.13 47.24
N ARG D 186 7.48 -6.40 48.27
CA ARG D 186 8.92 -6.19 48.36
C ARG D 186 9.49 -4.78 48.55
N ILE D 187 8.62 -3.80 48.62
CA ILE D 187 8.94 -2.46 49.07
C ILE D 187 7.46 -2.21 48.96
N ASP D 188 6.81 -1.71 49.98
CA ASP D 188 5.39 -1.91 50.09
C ASP D 188 4.95 -0.46 50.17
N TYR D 189 5.74 0.34 49.48
CA TYR D 189 5.57 1.78 49.55
C TYR D 189 4.17 2.25 49.17
N ILE D 190 3.48 1.47 48.35
CA ILE D 190 2.10 1.80 48.10
C ILE D 190 1.36 1.61 49.42
N SER D 191 1.75 0.61 50.21
CA SER D 191 1.04 0.33 51.44
C SER D 191 1.14 1.55 52.33
N ILE D 192 2.29 2.21 52.25
CA ILE D 192 2.49 3.42 53.01
C ILE D 192 1.52 4.47 52.49
N ILE D 193 1.54 4.71 51.18
CA ILE D 193 0.71 5.77 50.61
C ILE D 193 -0.75 5.53 51.00
N GLU D 194 -1.11 4.26 51.08
CA GLU D 194 -2.48 3.90 51.37
C GLU D 194 -2.72 4.25 52.81
N GLN D 195 -1.71 4.00 53.63
CA GLN D 195 -1.80 4.22 55.06
C GLN D 195 -2.08 5.70 55.38
N LEU D 196 -1.37 6.58 54.69
CA LEU D 196 -1.44 8.01 55.00
C LEU D 196 -1.81 8.91 53.83
N TYR D 197 -2.55 8.39 52.85
CA TYR D 197 -3.22 9.26 51.88
C TYR D 197 -4.65 8.78 51.68
N PHE D 198 -4.98 7.70 52.37
CA PHE D 198 -6.32 7.13 52.29
C PHE D 198 -6.81 6.60 53.66
N SER D 199 -6.84 7.49 54.68
CA SER D 199 -7.33 7.15 56.02
C SER D 199 -6.81 5.82 56.58
#